data_9J2X
#
_entry.id   9J2X
#
_cell.length_a   222.646
_cell.length_b   48.391
_cell.length_c   86.884
_cell.angle_alpha   90.00
_cell.angle_beta   112.58
_cell.angle_gamma   90.00
#
_symmetry.space_group_name_H-M   'C 1 2 1'
#
loop_
_entity.id
_entity.type
_entity.pdbx_description
1 polymer 'Cyclic GMP-AMP synthase'
2 non-polymer 2-(4,5-dichloro-1H-benzimidazol-2-yl)-5-methyl-4-[(1R)-3-oxo-1,3-dihydro-2-benzofuran-1-yl]-1,2-dihydro-3H-pyrazol-3-one
3 non-polymer (3~{S})-3-[1-[4,5-bis(chloranyl)-1~{H}-benzimidazol-2-yl]-3-methyl-5-oxidanyl-pyrazol-4-yl]-3~{H}-2-benzofuran-1-one
4 non-polymer 'ZINC ION'
5 water water
#
_entity_poly.entity_id   1
_entity_poly.type   'polypeptide(L)'
_entity_poly.pdbx_seq_one_letter_code
;DAAPGASKLRAVLEKLKLSRDDISTAAGMVKGVVDHLLLRLKCDSAFRGVGLLNTGSYYEHVKISAPNEFDVMFKLEVPR
IQLEEYSNTRAYYFVKFKRNPKENPLSQFLEGEILSASKMLSKFRKIIKEEINDIKDTDVIMKRKRGGSPAVTLLISEKI
SVDITLALESKSSWPASTQEGLRIQNWLSAKVRKQLRLKPFYLVPKHAKEGNGFQEETWRLSFSHIEKEILNNHGKSKTC
CENKEEKCCRKDCLKLMKYLLEQLKERFKDKKHLDKFSSYHVKTAFFHVCTQNPQDSQWDRKDLGLCFDNCVTYFLQCLR
TEKLENYFIPEFNLFSSNLIDKRSKEFLTKQIEYERNNEFPVFDEF
;
_entity_poly.pdbx_strand_id   A,B
#
loop_
_chem_comp.id
_chem_comp.type
_chem_comp.name
_chem_comp.formula
AEV non-polymer 2-(4,5-dichloro-1H-benzimidazol-2-yl)-5-methyl-4-[(1R)-3-oxo-1,3-dihydro-2-benzofuran-1-yl]-1,2-dihydro-3H-pyrazol-3-one 'C19 H12 Cl2 N4 O3'
LLS non-polymer (3~{S})-3-[1-[4,5-bis(chloranyl)-1~{H}-benzimidazol-2-yl]-3-methyl-5-oxidanyl-pyrazol-4-yl]-3~{H}-2-benzofuran-1-one 'C19 H12 Cl2 N4 O3'
ZN non-polymer 'ZINC ION' 'Zn 2'
#
# COMPACT_ATOMS: atom_id res chain seq x y z
N GLY A 5 32.11 -20.18 4.17
CA GLY A 5 31.14 -19.65 5.12
C GLY A 5 29.79 -19.34 4.46
N ALA A 6 29.59 -18.09 4.07
CA ALA A 6 28.36 -17.67 3.40
C ALA A 6 28.13 -18.46 2.12
N SER A 7 29.21 -18.94 1.47
CA SER A 7 29.05 -19.70 0.23
C SER A 7 28.21 -20.96 0.46
N LYS A 8 28.25 -21.52 1.66
CA LYS A 8 27.50 -22.72 1.98
C LYS A 8 26.04 -22.32 2.12
N LEU A 9 25.81 -21.20 2.80
CA LEU A 9 24.44 -20.75 3.00
C LEU A 9 23.81 -20.40 1.64
N ARG A 10 24.61 -19.80 0.78
CA ARG A 10 24.12 -19.44 -0.52
C ARG A 10 23.79 -20.65 -1.35
N ALA A 11 24.60 -21.72 -1.23
CA ALA A 11 24.30 -22.95 -1.93
C ALA A 11 22.94 -23.50 -1.45
N VAL A 12 22.67 -23.39 -0.13
CA VAL A 12 21.38 -23.85 0.38
C VAL A 12 20.25 -23.07 -0.24
N LEU A 13 20.41 -21.76 -0.27
CA LEU A 13 19.36 -20.92 -0.85
C LEU A 13 19.14 -21.23 -2.33
N GLU A 14 20.19 -21.55 -3.08
CA GLU A 14 19.98 -21.88 -4.48
C GLU A 14 19.18 -23.17 -4.64
N LYS A 15 19.48 -24.23 -3.84
CA LYS A 15 18.64 -25.43 -4.00
C LYS A 15 17.22 -25.22 -3.44
N LEU A 16 17.05 -24.33 -2.45
CA LEU A 16 15.71 -24.08 -1.93
C LEU A 16 14.91 -23.35 -2.98
N LYS A 17 15.56 -22.47 -3.74
CA LYS A 17 14.88 -21.72 -4.79
C LYS A 17 14.48 -22.65 -5.92
N LEU A 18 15.41 -23.47 -6.40
CA LEU A 18 15.10 -24.34 -7.52
C LEU A 18 13.96 -25.31 -7.18
N SER A 19 13.97 -25.82 -5.94
CA SER A 19 12.95 -26.75 -5.48
C SER A 19 11.54 -26.18 -5.48
N ARG A 20 11.40 -24.84 -5.42
CA ARG A 20 10.10 -24.21 -5.32
C ARG A 20 9.62 -23.62 -6.65
N ASP A 21 10.44 -23.72 -7.70
CA ASP A 21 10.04 -23.20 -9.01
C ASP A 21 9.31 -24.28 -9.79
N ASP A 22 9.70 -25.52 -9.57
CA ASP A 22 9.13 -26.65 -10.31
C ASP A 22 7.79 -27.11 -9.74
N ILE A 23 6.81 -26.19 -9.73
CA ILE A 23 5.47 -26.48 -9.22
C ILE A 23 4.39 -26.06 -10.18
N SER A 24 4.74 -25.69 -11.41
CA SER A 24 3.76 -25.13 -12.37
C SER A 24 2.46 -25.95 -12.46
N THR A 25 2.61 -27.25 -12.74
CA THR A 25 1.45 -28.14 -12.86
C THR A 25 0.67 -28.20 -11.55
N ALA A 26 1.38 -28.36 -10.43
CA ALA A 26 0.71 -28.47 -9.15
C ALA A 26 -0.06 -27.21 -8.84
N ALA A 27 0.54 -26.05 -9.11
CA ALA A 27 -0.08 -24.77 -8.83
C ALA A 27 -1.40 -24.64 -9.60
N GLY A 28 -1.39 -25.13 -10.85
CA GLY A 28 -2.56 -25.13 -11.70
C GLY A 28 -3.68 -25.96 -11.08
N MET A 29 -3.35 -27.18 -10.66
CA MET A 29 -4.33 -28.07 -10.06
C MET A 29 -4.95 -27.44 -8.81
N VAL A 30 -4.13 -26.76 -8.01
CA VAL A 30 -4.64 -26.11 -6.81
C VAL A 30 -5.60 -24.99 -7.19
N LYS A 31 -5.22 -24.17 -8.18
CA LYS A 31 -6.09 -23.09 -8.63
C LYS A 31 -7.44 -23.67 -9.07
N GLY A 32 -7.40 -24.75 -9.86
CA GLY A 32 -8.61 -25.40 -10.34
C GLY A 32 -9.54 -25.80 -9.20
N VAL A 33 -9.01 -26.56 -8.23
CA VAL A 33 -9.82 -27.02 -7.10
C VAL A 33 -10.33 -25.83 -6.28
N VAL A 34 -9.48 -24.84 -6.03
CA VAL A 34 -9.90 -23.64 -5.29
C VAL A 34 -11.02 -22.89 -6.00
N ASP A 35 -10.90 -22.67 -7.31
CA ASP A 35 -11.95 -21.99 -8.04
C ASP A 35 -13.25 -22.77 -7.93
N HIS A 36 -13.17 -24.10 -8.04
CA HIS A 36 -14.37 -24.93 -7.93
C HIS A 36 -15.00 -24.74 -6.56
N LEU A 37 -14.21 -24.89 -5.50
CA LEU A 37 -14.77 -24.80 -4.17
C LEU A 37 -15.33 -23.42 -3.88
N LEU A 38 -14.68 -22.34 -4.32
CA LEU A 38 -15.23 -21.02 -4.05
C LEU A 38 -16.55 -20.79 -4.81
N LEU A 39 -16.64 -21.27 -6.05
CA LEU A 39 -17.90 -21.10 -6.79
C LEU A 39 -19.03 -21.84 -6.12
N ARG A 40 -18.72 -23.02 -5.59
CA ARG A 40 -19.73 -23.84 -4.96
C ARG A 40 -20.08 -23.36 -3.55
N LEU A 41 -19.11 -22.86 -2.77
CA LEU A 41 -19.40 -22.30 -1.46
C LEU A 41 -20.37 -21.14 -1.60
N LYS A 42 -20.20 -20.38 -2.67
CA LYS A 42 -21.07 -19.25 -2.93
C LYS A 42 -22.54 -19.61 -3.18
N CYS A 43 -22.84 -20.87 -3.47
CA CYS A 43 -24.22 -21.28 -3.69
C CYS A 43 -24.99 -21.27 -2.36
N ASP A 44 -24.26 -21.36 -1.24
CA ASP A 44 -24.86 -21.35 0.08
C ASP A 44 -25.08 -19.92 0.55
N SER A 45 -26.20 -19.66 1.21
CA SER A 45 -26.45 -18.32 1.71
C SER A 45 -25.37 -17.78 2.66
N ALA A 46 -24.81 -18.68 3.51
CA ALA A 46 -23.82 -18.31 4.51
C ALA A 46 -22.49 -17.88 3.92
N PHE A 47 -22.12 -18.53 2.82
CA PHE A 47 -20.82 -18.36 2.20
C PHE A 47 -20.82 -17.59 0.89
N ARG A 48 -21.92 -16.92 0.54
CA ARG A 48 -21.92 -16.22 -0.77
C ARG A 48 -20.75 -15.22 -0.80
N GLY A 49 -20.44 -14.60 0.33
CA GLY A 49 -19.36 -13.60 0.39
C GLY A 49 -17.95 -14.17 0.50
N VAL A 50 -17.78 -15.48 0.27
CA VAL A 50 -16.42 -16.07 0.46
C VAL A 50 -15.52 -15.60 -0.67
N GLY A 51 -14.22 -15.56 -0.42
CA GLY A 51 -13.27 -15.18 -1.49
C GLY A 51 -11.84 -15.33 -1.04
N LEU A 52 -10.93 -15.33 -1.99
CA LEU A 52 -9.49 -15.37 -1.68
C LEU A 52 -9.07 -13.99 -1.19
N LEU A 53 -8.30 -13.92 -0.10
CA LEU A 53 -7.75 -12.64 0.40
C LEU A 53 -7.28 -11.79 -0.78
N ASN A 54 -6.48 -12.38 -1.67
CA ASN A 54 -6.02 -11.65 -2.87
C ASN A 54 -6.10 -12.54 -4.10
N THR A 55 -6.73 -12.06 -5.17
CA THR A 55 -6.90 -12.86 -6.39
C THR A 55 -5.56 -13.09 -7.04
N SER A 57 -2.65 -13.65 -4.89
CA SER A 57 -2.02 -14.89 -4.35
C SER A 57 -3.09 -15.96 -4.13
N TYR A 58 -3.05 -17.00 -4.94
CA TYR A 58 -4.01 -18.12 -4.81
C TYR A 58 -3.51 -19.13 -3.81
N TYR A 59 -2.25 -18.99 -3.36
CA TYR A 59 -1.65 -20.03 -2.48
C TYR A 59 -0.39 -19.52 -1.78
N GLU A 60 -0.01 -20.20 -0.69
CA GLU A 60 1.19 -19.83 0.08
C GLU A 60 1.86 -21.14 0.54
N HIS A 61 3.12 -21.07 0.98
CA HIS A 61 3.74 -22.28 1.52
C HIS A 61 4.29 -22.02 2.91
N VAL A 62 3.79 -22.78 3.87
CA VAL A 62 4.19 -22.66 5.25
C VAL A 62 5.60 -23.16 5.46
N LYS A 63 5.87 -24.33 4.86
CA LYS A 63 7.15 -24.99 4.92
C LYS A 63 7.96 -24.78 3.63
N ILE A 64 9.12 -24.16 3.76
CA ILE A 64 9.99 -23.84 2.62
C ILE A 64 10.50 -25.10 1.91
N SER A 65 10.64 -26.18 2.68
CA SER A 65 11.11 -27.47 2.17
C SER A 65 9.99 -28.39 1.66
N ALA A 66 8.74 -27.90 1.62
CA ALA A 66 7.62 -28.72 1.16
C ALA A 66 6.80 -27.98 0.09
N PRO A 67 7.33 -27.82 -1.15
CA PRO A 67 6.72 -27.10 -2.24
C PRO A 67 5.44 -27.77 -2.70
N ASN A 68 5.25 -29.04 -2.36
CA ASN A 68 4.03 -29.75 -2.73
C ASN A 68 2.90 -29.60 -1.69
N GLU A 69 3.13 -28.82 -0.63
CA GLU A 69 2.15 -28.59 0.41
C GLU A 69 1.73 -27.13 0.40
N PHE A 70 0.50 -26.89 -0.02
CA PHE A 70 -0.05 -25.55 -0.26
C PHE A 70 -0.96 -25.13 0.86
N ASP A 71 -1.10 -23.82 1.03
CA ASP A 71 -1.95 -23.23 2.05
C ASP A 71 -2.73 -22.02 1.51
N VAL A 72 -4.06 -22.08 1.61
CA VAL A 72 -4.90 -21.00 1.12
C VAL A 72 -5.87 -20.54 2.19
N MET A 73 -6.27 -19.29 2.10
CA MET A 73 -7.25 -18.79 3.05
C MET A 73 -8.46 -18.24 2.31
N PHE A 74 -9.63 -18.67 2.77
CA PHE A 74 -10.91 -18.22 2.24
C PHE A 74 -11.42 -17.29 3.32
N LYS A 75 -11.72 -16.05 2.96
CA LYS A 75 -12.16 -15.10 3.96
C LYS A 75 -13.64 -14.84 3.78
N LEU A 76 -14.29 -14.38 4.83
CA LEU A 76 -15.70 -14.04 4.76
C LEU A 76 -15.98 -12.76 5.56
N GLU A 77 -16.47 -11.74 4.90
CA GLU A 77 -16.70 -10.46 5.58
C GLU A 77 -17.86 -10.45 6.57
N VAL A 78 -17.60 -9.85 7.73
CA VAL A 78 -18.63 -9.66 8.75
C VAL A 78 -18.99 -8.18 8.83
N PRO A 79 -20.21 -7.77 8.40
CA PRO A 79 -20.63 -6.39 8.30
C PRO A 79 -20.33 -5.54 9.53
N ARG A 80 -20.74 -6.01 10.69
CA ARG A 80 -20.52 -5.29 11.91
C ARG A 80 -20.20 -6.24 13.03
N ILE A 81 -18.94 -6.57 13.15
CA ILE A 81 -18.51 -7.55 14.12
C ILE A 81 -18.35 -6.89 15.48
N GLN A 82 -18.68 -7.62 16.53
CA GLN A 82 -18.45 -7.18 17.89
C GLN A 82 -17.55 -8.17 18.62
N LEU A 83 -16.36 -7.74 19.02
CA LEU A 83 -15.49 -8.70 19.67
C LEU A 83 -15.51 -8.58 21.18
N GLU A 84 -15.29 -9.71 21.85
CA GLU A 84 -15.14 -9.70 23.29
C GLU A 84 -13.98 -10.65 23.67
N GLU A 85 -13.01 -10.12 24.38
CA GLU A 85 -11.80 -10.87 24.73
C GLU A 85 -12.10 -12.07 25.63
N TYR A 86 -11.52 -13.22 25.29
CA TYR A 86 -11.66 -14.43 26.10
C TYR A 86 -10.58 -14.55 27.17
N SER A 87 -10.98 -14.70 28.44
CA SER A 87 -10.07 -14.96 29.58
C SER A 87 -8.78 -14.16 29.65
N ASN A 88 -8.78 -12.93 29.14
CA ASN A 88 -7.58 -12.04 29.15
C ASN A 88 -6.44 -12.59 28.26
N THR A 89 -6.75 -13.25 27.15
CA THR A 89 -5.72 -13.91 26.33
C THR A 89 -5.09 -12.93 25.37
N ARG A 90 -5.76 -11.82 25.05
CA ARG A 90 -5.23 -10.74 24.17
C ARG A 90 -5.30 -11.14 22.69
N ALA A 91 -5.30 -12.43 22.39
CA ALA A 91 -5.27 -12.86 20.97
C ALA A 91 -6.52 -13.67 20.65
N TYR A 92 -7.19 -14.12 21.70
CA TYR A 92 -8.39 -14.98 21.47
C TYR A 92 -9.66 -14.19 21.84
N TYR A 93 -10.64 -14.20 20.94
CA TYR A 93 -11.91 -13.49 21.10
C TYR A 93 -13.14 -14.31 20.84
N PHE A 94 -14.24 -13.91 21.46
CA PHE A 94 -15.53 -14.41 21.08
C PHE A 94 -16.07 -13.46 20.03
N VAL A 95 -16.80 -14.00 19.09
CA VAL A 95 -17.42 -13.17 18.09
C VAL A 95 -18.91 -13.02 18.26
N LYS A 96 -19.32 -11.78 18.43
CA LYS A 96 -20.69 -11.34 18.58
C LYS A 96 -21.00 -10.47 17.39
N GLU A 103 -30.86 -9.99 10.22
CA GLU A 103 -30.29 -9.58 8.91
C GLU A 103 -28.88 -10.13 8.79
N ASN A 104 -28.60 -11.24 9.47
CA ASN A 104 -27.20 -11.74 9.51
C ASN A 104 -27.08 -13.07 8.75
N PRO A 105 -26.29 -13.14 7.67
CA PRO A 105 -26.19 -14.37 6.89
C PRO A 105 -25.45 -15.47 7.64
N LEU A 106 -25.10 -15.20 8.90
CA LEU A 106 -24.37 -16.22 9.71
C LEU A 106 -25.18 -16.43 10.99
N SER A 107 -26.41 -15.90 11.04
CA SER A 107 -27.29 -16.16 12.21
C SER A 107 -27.60 -17.66 12.24
N GLN A 108 -27.42 -18.35 11.11
CA GLN A 108 -27.61 -19.81 11.05
C GLN A 108 -26.61 -20.53 11.97
N PHE A 109 -25.70 -19.78 12.62
CA PHE A 109 -24.65 -20.42 13.45
C PHE A 109 -24.46 -19.69 14.76
N LEU A 110 -25.36 -18.78 15.12
CA LEU A 110 -25.25 -18.11 16.43
C LEU A 110 -25.84 -18.98 17.52
N GLU A 111 -25.00 -19.38 18.47
CA GLU A 111 -25.49 -20.12 19.64
C GLU A 111 -25.63 -19.07 20.74
N GLY A 112 -26.67 -18.25 20.65
CA GLY A 112 -26.90 -17.18 21.65
C GLY A 112 -26.44 -15.87 21.09
N GLU A 113 -25.65 -15.11 21.87
CA GLU A 113 -25.06 -13.88 21.30
C GLU A 113 -23.68 -14.22 20.72
N ILE A 114 -23.26 -15.49 20.79
CA ILE A 114 -21.88 -15.88 20.35
C ILE A 114 -21.92 -16.67 19.03
N LEU A 115 -21.04 -16.33 18.09
CA LEU A 115 -20.96 -17.05 16.80
C LEU A 115 -20.17 -18.33 17.01
N SER A 116 -20.74 -19.47 16.63
CA SER A 116 -20.10 -20.73 16.91
C SER A 116 -19.14 -21.18 15.84
N ALA A 117 -17.87 -21.31 16.25
CA ALA A 117 -16.82 -21.79 15.38
C ALA A 117 -17.17 -23.21 14.93
N SER A 118 -17.74 -24.01 15.87
CA SER A 118 -18.11 -25.40 15.56
C SER A 118 -19.20 -25.50 14.50
N LYS A 119 -20.22 -24.63 14.59
CA LYS A 119 -21.29 -24.73 13.61
C LYS A 119 -20.80 -24.32 12.22
N MET A 120 -20.10 -23.19 12.12
CA MET A 120 -19.69 -22.68 10.79
C MET A 120 -18.77 -23.72 10.13
N LEU A 121 -17.81 -24.24 10.89
CA LEU A 121 -16.82 -25.17 10.29
C LEU A 121 -17.51 -26.46 9.82
N SER A 122 -18.54 -26.91 10.53
CA SER A 122 -19.20 -28.18 10.15
C SER A 122 -19.87 -28.00 8.79
N LYS A 123 -20.62 -26.91 8.63
CA LYS A 123 -21.21 -26.62 7.30
C LYS A 123 -20.08 -26.47 6.28
N PHE A 124 -19.05 -25.68 6.62
CA PHE A 124 -17.99 -25.43 5.63
C PHE A 124 -17.41 -26.77 5.18
N ARG A 125 -17.18 -27.67 6.14
CA ARG A 125 -16.52 -28.95 5.79
C ARG A 125 -17.48 -29.80 4.95
N LYS A 126 -18.78 -29.67 5.20
CA LYS A 126 -19.75 -30.51 4.44
C LYS A 126 -19.75 -30.06 2.98
N ILE A 127 -19.80 -28.75 2.74
CA ILE A 127 -19.92 -28.29 1.33
C ILE A 127 -18.69 -28.78 0.58
N ILE A 128 -17.51 -28.63 1.17
CA ILE A 128 -16.27 -29.01 0.46
C ILE A 128 -16.32 -30.54 0.27
N LYS A 129 -16.66 -31.27 1.32
CA LYS A 129 -16.67 -32.73 1.13
C LYS A 129 -17.57 -33.10 -0.05
N GLU A 130 -18.79 -32.57 -0.01
CA GLU A 130 -19.74 -32.86 -1.12
C GLU A 130 -19.15 -32.35 -2.44
N GLU A 131 -18.69 -31.10 -2.49
CA GLU A 131 -18.22 -30.53 -3.77
C GLU A 131 -17.01 -31.33 -4.28
N ILE A 132 -16.24 -31.94 -3.40
CA ILE A 132 -15.03 -32.65 -3.94
C ILE A 132 -15.45 -34.06 -4.38
N ASN A 133 -16.62 -34.51 -3.92
CA ASN A 133 -17.14 -35.82 -4.41
C ASN A 133 -17.62 -35.67 -5.86
N ASP A 134 -17.54 -34.47 -6.44
CA ASP A 134 -17.93 -34.29 -7.82
C ASP A 134 -16.72 -34.06 -8.75
N THR A 138 -9.64 -35.68 -11.44
CA THR A 138 -8.60 -35.48 -10.41
C THR A 138 -9.01 -36.22 -9.16
N ASP A 139 -8.15 -37.12 -8.67
CA ASP A 139 -8.44 -37.94 -7.47
C ASP A 139 -8.29 -37.10 -6.19
N VAL A 140 -9.37 -36.45 -5.73
CA VAL A 140 -9.25 -35.53 -4.56
C VAL A 140 -9.96 -36.12 -3.34
N ILE A 141 -9.26 -36.17 -2.20
CA ILE A 141 -9.85 -36.75 -0.96
C ILE A 141 -9.74 -35.70 0.17
N MET A 142 -10.74 -35.63 1.02
CA MET A 142 -10.72 -34.68 2.15
C MET A 142 -10.21 -35.39 3.42
N LYS A 143 -9.40 -34.69 4.22
CA LYS A 143 -8.92 -35.24 5.50
C LYS A 143 -9.26 -34.21 6.58
N ARG A 144 -9.59 -34.64 7.79
CA ARG A 144 -9.82 -33.67 8.88
C ARG A 144 -8.51 -33.50 9.68
N PRO A 150 -6.41 -24.86 10.53
CA PRO A 150 -6.61 -25.43 9.19
C PRO A 150 -7.89 -26.25 9.10
N ALA A 151 -9.03 -25.63 8.79
CA ALA A 151 -10.36 -26.32 8.76
C ALA A 151 -10.36 -27.57 7.89
N VAL A 152 -9.76 -27.52 6.70
CA VAL A 152 -9.86 -28.70 5.80
C VAL A 152 -8.50 -28.96 5.13
N THR A 153 -8.16 -30.23 4.97
CA THR A 153 -6.94 -30.56 4.26
C THR A 153 -7.35 -31.44 3.10
N LEU A 154 -6.94 -31.06 1.89
CA LEU A 154 -7.35 -31.83 0.69
C LEU A 154 -6.14 -32.57 0.11
N LEU A 155 -6.31 -33.84 -0.19
CA LEU A 155 -5.21 -34.60 -0.82
C LEU A 155 -5.52 -34.74 -2.31
N ILE A 156 -4.74 -34.10 -3.16
CA ILE A 156 -5.03 -34.07 -4.61
C ILE A 156 -4.09 -35.07 -5.29
N SER A 157 -4.65 -36.01 -6.05
CA SER A 157 -3.83 -37.09 -6.67
C SER A 157 -3.03 -37.74 -5.54
N GLU A 158 -1.74 -37.97 -5.76
CA GLU A 158 -0.91 -38.48 -4.64
C GLU A 158 0.52 -37.94 -4.80
N ILE A 160 -0.08 -34.01 -3.82
CA ILE A 160 -0.35 -32.57 -3.58
C ILE A 160 -1.30 -32.41 -2.39
N SER A 161 -0.90 -31.63 -1.40
CA SER A 161 -1.75 -31.36 -0.21
C SER A 161 -2.20 -29.90 -0.24
N VAL A 162 -3.44 -29.65 0.14
CA VAL A 162 -3.93 -28.23 0.19
C VAL A 162 -4.62 -27.99 1.52
N ASP A 163 -4.05 -27.11 2.35
CA ASP A 163 -4.65 -26.75 3.63
C ASP A 163 -5.55 -25.53 3.43
N ILE A 164 -6.82 -25.62 3.82
CA ILE A 164 -7.73 -24.51 3.66
C ILE A 164 -8.17 -23.96 5.01
N THR A 165 -7.93 -22.67 5.19
CA THR A 165 -8.30 -21.98 6.41
C THR A 165 -9.44 -21.03 6.13
N LEU A 166 -10.44 -21.04 7.00
CA LEU A 166 -11.59 -20.14 6.90
C LEU A 166 -11.39 -19.00 7.87
N ALA A 167 -11.54 -17.76 7.39
CA ALA A 167 -11.34 -16.61 8.27
C ALA A 167 -12.42 -15.57 8.13
N LEU A 168 -12.70 -14.87 9.21
CA LEU A 168 -13.66 -13.77 9.16
C LEU A 168 -12.90 -12.52 8.85
N GLU A 169 -13.47 -11.64 8.04
CA GLU A 169 -12.85 -10.36 7.74
C GLU A 169 -13.56 -9.20 8.43
N SER A 170 -12.77 -8.34 9.07
CA SER A 170 -13.29 -7.16 9.71
C SER A 170 -12.58 -5.90 9.26
N LYS A 171 -13.38 -4.91 8.91
CA LYS A 171 -12.85 -3.63 8.44
C LYS A 171 -12.91 -2.58 9.54
N SER A 172 -13.19 -3.03 10.76
CA SER A 172 -13.21 -2.10 11.88
C SER A 172 -11.75 -1.88 12.28
N SER A 173 -11.46 -0.93 13.16
CA SER A 173 -10.08 -0.72 13.56
C SER A 173 -9.59 -1.92 14.37
N TRP A 174 -8.26 -2.06 14.48
CA TRP A 174 -7.65 -3.18 15.19
C TRP A 174 -7.94 -3.14 16.70
N PRO A 175 -8.07 -4.29 17.39
CA PRO A 175 -8.27 -4.39 18.83
C PRO A 175 -7.15 -3.69 19.59
N ALA A 176 -7.49 -3.15 20.77
CA ALA A 176 -6.57 -2.41 21.63
C ALA A 176 -5.32 -3.20 22.03
N SER A 177 -5.42 -4.53 22.02
CA SER A 177 -4.28 -5.38 22.36
C SER A 177 -3.12 -5.22 21.37
N THR A 178 -3.41 -4.66 20.17
CA THR A 178 -2.39 -4.47 19.15
C THR A 178 -1.84 -3.06 19.16
N GLN A 179 -2.37 -2.20 20.04
CA GLN A 179 -2.04 -0.77 20.04
C GLN A 179 -0.53 -0.44 20.04
N GLU A 180 0.23 -1.19 20.80
CA GLU A 180 1.67 -0.98 20.94
C GLU A 180 2.51 -1.95 20.07
N GLY A 181 1.86 -2.72 19.21
CA GLY A 181 2.59 -3.66 18.36
C GLY A 181 2.92 -3.04 17.00
N LEU A 182 3.39 -3.89 16.09
CA LEU A 182 3.78 -3.48 14.73
C LEU A 182 4.74 -2.28 14.79
N ARG A 183 5.77 -2.37 15.63
CA ARG A 183 6.69 -1.25 15.81
C ARG A 183 7.72 -1.14 14.67
N ILE A 184 7.23 -0.76 13.49
CA ILE A 184 8.01 -0.65 12.26
C ILE A 184 8.34 0.81 11.94
N GLN A 185 8.08 1.66 12.91
CA GLN A 185 8.20 3.11 12.79
C GLN A 185 9.58 3.60 12.43
N ASN A 186 10.64 2.99 13.01
CA ASN A 186 11.98 3.45 12.64
C ASN A 186 12.52 2.69 11.44
N TRP A 187 11.79 1.67 10.98
CA TRP A 187 12.20 0.85 9.85
C TRP A 187 11.46 1.23 8.54
N LEU A 188 10.12 0.95 8.48
CA LEU A 188 9.23 1.13 7.33
C LEU A 188 8.44 2.43 7.33
N SER A 189 8.59 3.18 8.41
CA SER A 189 8.04 4.48 8.81
C SER A 189 6.70 4.49 9.51
N ALA A 190 6.43 5.64 10.16
CA ALA A 190 5.21 5.88 10.89
C ALA A 190 4.03 5.91 9.92
N LYS A 191 4.25 6.48 8.74
CA LYS A 191 3.18 6.52 7.69
C LYS A 191 2.73 5.10 7.29
N VAL A 192 3.67 4.17 7.14
CA VAL A 192 3.31 2.80 6.69
C VAL A 192 2.51 2.09 7.81
N ARG A 193 2.98 2.19 9.05
CA ARG A 193 2.25 1.59 10.19
C ARG A 193 0.79 2.07 10.19
N LYS A 194 0.55 3.36 9.99
CA LYS A 194 -0.83 3.91 9.94
C LYS A 194 -1.60 3.28 8.78
N GLN A 195 -1.01 3.26 7.59
CA GLN A 195 -1.68 2.69 6.41
C GLN A 195 -1.92 1.19 6.67
N LEU A 196 -0.93 0.52 7.24
CA LEU A 196 -1.16 -0.92 7.46
C LEU A 196 -2.29 -1.14 8.43
N ARG A 197 -2.40 -0.26 9.42
CA ARG A 197 -3.42 -0.43 10.43
C ARG A 197 -4.82 0.00 9.96
N LEU A 198 -4.93 0.53 8.72
CA LEU A 198 -6.24 0.89 8.16
C LEU A 198 -6.78 -0.31 7.39
N LYS A 199 -5.94 -1.32 7.22
CA LYS A 199 -6.32 -2.52 6.51
C LYS A 199 -7.16 -3.38 7.43
N PRO A 200 -7.96 -4.30 6.88
CA PRO A 200 -8.74 -5.22 7.64
C PRO A 200 -7.85 -6.20 8.36
N PHE A 201 -8.43 -6.81 9.38
CA PHE A 201 -7.78 -7.85 10.15
C PHE A 201 -8.66 -9.08 10.03
N TYR A 202 -8.08 -10.26 10.33
CA TYR A 202 -8.82 -11.49 10.19
C TYR A 202 -8.90 -12.27 11.50
N LEU A 203 -9.93 -13.10 11.59
CA LEU A 203 -10.14 -14.01 12.72
C LEU A 203 -10.29 -15.45 12.25
N VAL A 204 -9.59 -16.37 12.90
CA VAL A 204 -9.73 -17.76 12.47
C VAL A 204 -10.28 -18.56 13.64
N PRO A 205 -11.10 -19.57 13.42
CA PRO A 205 -11.65 -20.34 14.51
C PRO A 205 -10.51 -21.05 15.15
N LYS A 206 -10.39 -21.01 16.47
CA LYS A 206 -9.20 -21.64 17.10
C LYS A 206 -9.48 -21.89 18.58
N HIS A 207 -9.36 -23.15 19.01
CA HIS A 207 -9.57 -23.50 20.39
C HIS A 207 -8.53 -22.83 21.29
N ALA A 208 -9.03 -22.10 22.27
CA ALA A 208 -8.27 -21.40 23.30
C ALA A 208 -8.09 -22.32 24.52
N LYS A 209 -7.17 -23.28 24.41
CA LYS A 209 -7.03 -24.24 25.49
C LYS A 209 -6.17 -23.76 26.65
N GLN A 215 -11.49 -23.94 26.14
CA GLN A 215 -12.67 -23.45 25.39
C GLN A 215 -12.53 -23.82 23.91
N GLU A 216 -13.67 -24.03 23.23
CA GLU A 216 -13.65 -24.41 21.81
C GLU A 216 -14.30 -23.39 20.86
N GLU A 217 -15.11 -22.47 21.38
CA GLU A 217 -15.84 -21.55 20.48
C GLU A 217 -15.16 -20.19 20.22
N THR A 218 -13.87 -20.08 20.57
CA THR A 218 -13.11 -18.86 20.33
C THR A 218 -12.52 -18.74 18.92
N TRP A 219 -12.10 -17.50 18.60
CA TRP A 219 -11.47 -17.13 17.33
C TRP A 219 -10.11 -16.42 17.60
N ARG A 220 -9.10 -16.63 16.78
CA ARG A 220 -7.80 -16.01 17.03
C ARG A 220 -7.49 -14.91 16.02
N LEU A 221 -6.92 -13.80 16.47
CA LEU A 221 -6.52 -12.76 15.53
C LEU A 221 -5.48 -13.28 14.56
N SER A 222 -5.57 -12.82 13.32
CA SER A 222 -4.59 -13.13 12.28
C SER A 222 -4.19 -11.89 11.47
N PHE A 223 -2.87 -11.71 11.40
CA PHE A 223 -2.25 -10.60 10.71
C PHE A 223 -1.31 -11.14 9.64
N SER A 224 -1.60 -12.35 9.18
CA SER A 224 -0.74 -12.98 8.19
C SER A 224 -0.55 -12.13 6.93
N HIS A 225 -1.60 -11.44 6.51
CA HIS A 225 -1.53 -10.60 5.31
C HIS A 225 -0.64 -9.37 5.52
N ILE A 226 -0.43 -8.95 6.77
CA ILE A 226 0.43 -7.80 7.02
C ILE A 226 1.86 -8.28 6.90
N GLU A 227 2.12 -9.48 7.45
CA GLU A 227 3.49 -10.02 7.42
C GLU A 227 3.95 -10.16 5.97
N LYS A 228 3.05 -10.62 5.12
CA LYS A 228 3.34 -10.76 3.68
C LYS A 228 3.66 -9.40 3.02
N GLU A 229 2.85 -8.38 3.29
CA GLU A 229 3.18 -7.09 2.70
C GLU A 229 4.52 -6.57 3.23
N ILE A 230 4.84 -6.81 4.49
CA ILE A 230 6.12 -6.39 4.98
C ILE A 230 7.27 -7.10 4.29
N LEU A 231 7.20 -8.44 4.21
CA LEU A 231 8.30 -9.19 3.62
C LEU A 231 8.54 -8.86 2.16
N ASN A 232 7.51 -8.46 1.44
CA ASN A 232 7.66 -8.17 -0.01
C ASN A 232 7.92 -6.67 -0.25
N ASN A 233 7.91 -5.83 0.79
CA ASN A 233 8.19 -4.37 0.73
C ASN A 233 8.89 -4.16 2.07
N HIS A 234 10.16 -4.52 2.13
CA HIS A 234 10.83 -4.71 3.40
C HIS A 234 12.00 -3.83 3.71
N GLY A 235 12.31 -2.85 2.87
CA GLY A 235 13.44 -2.01 3.24
C GLY A 235 13.05 -0.61 3.64
N LYS A 236 13.97 0.14 4.23
CA LYS A 236 13.72 1.57 4.51
C LYS A 236 13.70 2.23 3.14
N SER A 237 14.60 1.82 2.27
CA SER A 237 14.54 2.35 0.88
C SER A 237 13.38 1.70 0.13
N LYS A 238 12.61 2.52 -0.55
CA LYS A 238 11.54 1.99 -1.41
C LYS A 238 12.10 1.15 -2.55
N THR A 239 13.36 1.40 -2.95
CA THR A 239 13.98 0.68 -4.07
C THR A 239 14.88 -0.42 -3.60
N CYS A 240 14.71 -0.80 -2.32
CA CYS A 240 15.47 -1.88 -1.75
C CYS A 240 15.20 -3.10 -2.61
N CYS A 241 16.27 -3.79 -2.98
CA CYS A 241 16.31 -4.96 -3.83
C CYS A 241 15.79 -4.82 -5.26
N GLU A 242 15.61 -3.57 -5.74
CA GLU A 242 15.24 -3.32 -7.13
C GLU A 242 16.44 -2.95 -8.01
N ASN A 243 17.65 -2.95 -7.45
CA ASN A 243 18.85 -2.68 -8.24
C ASN A 243 20.08 -3.31 -7.57
N LYS A 244 21.22 -3.37 -8.26
CA LYS A 244 22.42 -4.01 -7.70
C LYS A 244 22.98 -3.28 -6.52
N GLU A 245 22.88 -1.97 -6.55
CA GLU A 245 23.35 -1.18 -5.44
C GLU A 245 22.62 -1.49 -4.13
N GLU A 246 21.35 -1.90 -4.21
CA GLU A 246 20.51 -2.05 -3.02
C GLU A 246 20.04 -3.49 -2.73
N LYS A 247 20.89 -4.46 -2.99
CA LYS A 247 20.51 -5.83 -2.65
C LYS A 247 20.80 -6.11 -1.18
N CYS A 248 19.74 -6.51 -0.47
CA CYS A 248 19.86 -6.86 0.95
C CYS A 248 19.60 -8.38 1.09
N CYS A 249 19.80 -8.92 2.29
CA CYS A 249 19.64 -10.36 2.53
C CYS A 249 18.56 -10.65 3.58
N ARG A 250 17.61 -9.76 3.72
CA ARG A 250 16.54 -9.95 4.74
C ARG A 250 15.77 -11.26 4.41
N LYS A 251 15.30 -11.40 3.19
CA LYS A 251 14.48 -12.57 2.80
C LYS A 251 15.33 -13.86 2.83
N ASP A 252 16.61 -13.77 2.45
CA ASP A 252 17.47 -14.93 2.55
C ASP A 252 17.61 -15.41 4.00
N CYS A 253 17.78 -14.46 4.93
CA CYS A 253 17.95 -14.81 6.33
C CYS A 253 16.73 -15.47 6.88
N LEU A 254 15.56 -14.95 6.54
CA LEU A 254 14.33 -15.57 6.99
C LEU A 254 14.23 -16.98 6.47
N LYS A 255 14.51 -17.17 5.17
CA LYS A 255 14.40 -18.50 4.59
C LYS A 255 15.33 -19.49 5.25
N LEU A 256 16.56 -19.06 5.56
CA LEU A 256 17.51 -19.93 6.21
C LEU A 256 17.04 -20.27 7.63
N MET A 257 16.43 -19.31 8.36
CA MET A 257 15.93 -19.62 9.71
C MET A 257 14.77 -20.63 9.63
N LYS A 258 13.86 -20.46 8.64
CA LYS A 258 12.74 -21.39 8.49
C LYS A 258 13.24 -22.79 8.13
N TYR A 259 14.21 -22.88 7.24
CA TYR A 259 14.76 -24.18 6.83
C TYR A 259 15.46 -24.86 8.00
N LEU A 260 16.18 -24.08 8.82
CA LEU A 260 16.84 -24.62 10.01
C LEU A 260 15.82 -25.32 10.91
N LEU A 261 14.73 -24.64 11.22
CA LEU A 261 13.73 -25.23 12.09
C LEU A 261 13.08 -26.44 11.44
N GLU A 262 12.70 -26.35 10.17
CA GLU A 262 12.01 -27.46 9.51
C GLU A 262 12.87 -28.72 9.48
N GLN A 263 14.17 -28.58 9.19
CA GLN A 263 15.04 -29.74 9.17
C GLN A 263 15.17 -30.36 10.56
N LEU A 264 15.28 -29.53 11.61
CA LEU A 264 15.40 -30.06 12.97
C LEU A 264 14.10 -30.68 13.41
N LYS A 265 12.99 -30.08 13.05
CA LYS A 265 11.67 -30.67 13.39
C LYS A 265 11.51 -32.07 12.75
N GLU A 266 12.11 -32.31 11.59
CA GLU A 266 11.99 -33.61 10.89
C GLU A 266 12.85 -34.67 11.60
N ARG A 267 14.12 -34.37 11.86
CA ARG A 267 15.05 -35.30 12.54
C ARG A 267 14.41 -35.81 13.83
N PHE A 268 13.71 -34.95 14.56
CA PHE A 268 13.10 -35.32 15.85
C PHE A 268 11.59 -35.33 15.76
N LYS A 269 11.04 -35.61 14.60
CA LYS A 269 9.55 -35.72 14.51
C LYS A 269 9.10 -36.93 15.35
N ASP A 270 10.03 -37.84 15.61
CA ASP A 270 9.69 -39.04 16.37
C ASP A 270 9.71 -38.79 17.88
N LYS A 271 10.27 -37.65 18.28
CA LYS A 271 10.37 -37.25 19.66
C LYS A 271 9.31 -36.19 19.88
N LYS A 272 9.11 -35.78 21.12
CA LYS A 272 8.11 -34.75 21.41
C LYS A 272 8.71 -33.34 21.53
N HIS A 273 10.03 -33.26 21.68
CA HIS A 273 10.69 -31.95 22.01
C HIS A 273 10.43 -30.78 21.04
N LEU A 274 10.29 -30.99 19.74
CA LEU A 274 10.16 -29.83 18.81
C LEU A 274 8.73 -29.69 18.28
N ASP A 275 7.76 -30.40 18.88
CA ASP A 275 6.35 -30.39 18.41
C ASP A 275 5.67 -29.03 18.51
N LYS A 276 6.00 -28.21 19.52
CA LYS A 276 5.30 -26.92 19.73
C LYS A 276 5.92 -25.79 18.89
N PHE A 277 7.12 -26.00 18.36
CA PHE A 277 7.80 -24.94 17.58
C PHE A 277 7.21 -24.90 16.17
N SER A 278 7.00 -23.69 15.66
CA SER A 278 6.52 -23.55 14.27
C SER A 278 7.18 -22.39 13.54
N SER A 279 6.87 -22.25 12.23
CA SER A 279 7.46 -21.17 11.43
C SER A 279 7.01 -19.81 11.97
N TYR A 280 5.91 -19.77 12.75
CA TYR A 280 5.44 -18.51 13.32
C TYR A 280 6.48 -17.96 14.32
N HIS A 281 7.19 -18.85 15.01
CA HIS A 281 8.15 -18.41 16.02
C HIS A 281 9.31 -17.79 15.34
N VAL A 282 9.70 -18.41 14.24
CA VAL A 282 10.81 -17.94 13.43
C VAL A 282 10.53 -16.57 12.83
N LYS A 283 9.33 -16.43 12.22
CA LYS A 283 8.98 -15.16 11.60
C LYS A 283 8.89 -14.06 12.61
N THR A 284 8.32 -14.37 13.78
CA THR A 284 8.20 -13.38 14.82
C THR A 284 9.58 -12.92 15.24
N ALA A 285 10.51 -13.88 15.51
CA ALA A 285 11.85 -13.45 15.91
C ALA A 285 12.49 -12.62 14.80
N PHE A 286 12.30 -13.03 13.54
CA PHE A 286 12.86 -12.33 12.40
C PHE A 286 12.37 -10.89 12.29
N PHE A 287 11.07 -10.68 12.43
CA PHE A 287 10.54 -9.33 12.36
C PHE A 287 11.13 -8.51 13.51
N HIS A 288 11.32 -9.11 14.68
CA HIS A 288 11.90 -8.38 15.84
C HIS A 288 13.33 -7.90 15.52
N VAL A 289 14.09 -8.70 14.76
CA VAL A 289 15.49 -8.33 14.38
C VAL A 289 15.46 -7.26 13.29
N CYS A 290 14.39 -7.21 12.48
CA CYS A 290 14.25 -6.16 11.46
C CYS A 290 13.97 -4.83 12.19
N THR A 291 13.25 -4.90 13.30
CA THR A 291 12.99 -3.70 14.10
C THR A 291 14.28 -3.21 14.74
N GLN A 292 15.08 -4.15 15.25
CA GLN A 292 16.36 -3.83 15.88
C GLN A 292 17.39 -3.29 14.92
N ASN A 293 17.32 -3.72 13.67
CA ASN A 293 18.27 -3.38 12.60
C ASN A 293 17.51 -2.76 11.41
N PRO A 294 17.04 -1.51 11.56
CA PRO A 294 16.17 -0.81 10.66
C PRO A 294 16.80 -0.32 9.37
N GLN A 295 18.16 -0.30 9.29
CA GLN A 295 18.79 0.27 8.12
C GLN A 295 19.14 -0.82 7.13
N ASP A 296 19.01 -0.51 5.87
CA ASP A 296 19.32 -1.46 4.81
C ASP A 296 20.78 -1.86 4.81
N SER A 297 21.66 -0.92 5.21
CA SER A 297 23.10 -1.16 5.25
C SER A 297 23.50 -2.19 6.34
N GLN A 298 22.57 -2.55 7.22
CA GLN A 298 22.82 -3.59 8.20
C GLN A 298 22.47 -4.99 7.65
N TRP A 299 21.85 -5.04 6.45
CA TRP A 299 21.44 -6.29 5.76
C TRP A 299 22.06 -6.47 4.41
N ASP A 300 23.24 -5.90 4.17
CA ASP A 300 23.94 -6.05 2.85
C ASP A 300 24.08 -7.53 2.48
N ARG A 301 23.89 -7.86 1.21
CA ARG A 301 23.96 -9.26 0.75
C ARG A 301 25.34 -9.86 1.02
N LYS A 302 26.40 -9.06 0.96
CA LYS A 302 27.79 -9.51 1.22
C LYS A 302 27.95 -9.95 2.67
N ASP A 303 27.02 -9.57 3.54
CA ASP A 303 27.10 -9.92 4.98
C ASP A 303 26.06 -10.98 5.33
N LEU A 304 25.61 -11.77 4.35
CA LEU A 304 24.67 -12.86 4.65
C LEU A 304 25.11 -13.70 5.85
N GLY A 305 26.42 -14.05 5.93
CA GLY A 305 26.92 -14.90 7.00
C GLY A 305 26.67 -14.29 8.40
N LEU A 306 27.14 -13.06 8.62
CA LEU A 306 26.92 -12.41 9.91
C LEU A 306 25.45 -12.09 10.14
N CYS A 307 24.71 -11.69 9.10
CA CYS A 307 23.32 -11.35 9.35
C CYS A 307 22.57 -12.59 9.82
N PHE A 308 22.83 -13.74 9.17
CA PHE A 308 22.18 -15.00 9.54
C PHE A 308 22.56 -15.38 10.95
N ASP A 309 23.84 -15.31 11.28
CA ASP A 309 24.28 -15.65 12.59
C ASP A 309 23.61 -14.76 13.66
N ASN A 310 23.32 -13.47 13.31
CA ASN A 310 22.69 -12.54 14.24
C ASN A 310 21.23 -12.91 14.41
N CYS A 311 20.62 -13.43 13.35
CA CYS A 311 19.21 -13.87 13.46
C CYS A 311 19.10 -15.16 14.29
N VAL A 312 20.09 -16.04 14.15
CA VAL A 312 20.08 -17.28 14.93
C VAL A 312 20.28 -16.93 16.41
N THR A 313 21.24 -16.03 16.68
CA THR A 313 21.53 -15.57 18.02
C THR A 313 20.37 -14.88 18.70
N TYR A 314 19.67 -14.00 17.99
CA TYR A 314 18.48 -13.42 18.58
C TYR A 314 17.46 -14.52 18.93
N PHE A 315 17.21 -15.45 18.00
CA PHE A 315 16.24 -16.52 18.25
C PHE A 315 16.66 -17.33 19.50
N LEU A 316 17.95 -17.69 19.60
CA LEU A 316 18.44 -18.44 20.78
C LEU A 316 18.24 -17.64 22.06
N GLN A 317 18.46 -16.33 22.01
CA GLN A 317 18.28 -15.51 23.19
C GLN A 317 16.84 -15.58 23.64
N CYS A 318 15.92 -15.54 22.65
CA CYS A 318 14.51 -15.64 22.97
C CYS A 318 14.25 -17.02 23.62
N LEU A 319 14.87 -18.10 23.15
CA LEU A 319 14.59 -19.43 23.75
C LEU A 319 15.08 -19.50 25.22
N ARG A 320 16.32 -19.10 25.50
CA ARG A 320 16.94 -19.14 26.85
C ARG A 320 16.19 -18.27 27.87
N THR A 321 15.76 -17.08 27.49
CA THR A 321 15.05 -16.12 28.39
C THR A 321 13.57 -16.40 28.38
N GLU A 322 13.13 -17.40 27.63
CA GLU A 322 11.72 -17.74 27.47
C GLU A 322 10.85 -16.54 27.07
N LYS A 323 11.33 -15.73 26.12
CA LYS A 323 10.55 -14.57 25.72
C LYS A 323 10.52 -14.30 24.24
N LEU A 324 9.33 -14.45 23.68
CA LEU A 324 9.13 -14.14 22.25
C LEU A 324 7.78 -13.43 22.17
N GLU A 325 7.84 -12.11 22.16
CA GLU A 325 6.60 -11.32 22.10
C GLU A 325 5.98 -11.36 20.70
N ASN A 326 4.66 -11.49 20.63
CA ASN A 326 3.96 -11.38 19.34
C ASN A 326 4.23 -9.98 18.76
N TYR A 327 4.60 -9.91 17.49
CA TYR A 327 4.97 -8.61 16.84
C TYR A 327 3.79 -7.66 16.81
N PHE A 328 2.59 -8.20 16.67
CA PHE A 328 1.36 -7.36 16.62
C PHE A 328 0.77 -7.20 18.02
N ILE A 329 0.89 -8.23 18.88
CA ILE A 329 0.35 -8.22 20.28
C ILE A 329 1.50 -8.46 21.28
N PRO A 330 2.23 -7.40 21.66
CA PRO A 330 3.44 -7.54 22.48
C PRO A 330 3.20 -8.11 23.88
N GLU A 331 1.95 -8.09 24.36
CA GLU A 331 1.69 -8.64 25.70
C GLU A 331 1.51 -10.18 25.67
N PHE A 332 1.45 -10.76 24.49
CA PHE A 332 1.26 -12.20 24.36
C PHE A 332 2.62 -12.85 24.12
N ASN A 333 3.09 -13.62 25.09
CA ASN A 333 4.41 -14.23 25.01
C ASN A 333 4.33 -15.63 24.40
N LEU A 334 4.80 -15.78 23.16
CA LEU A 334 4.73 -17.03 22.42
C LEU A 334 5.58 -18.09 23.07
N PHE A 335 6.63 -17.65 23.77
CA PHE A 335 7.56 -18.54 24.46
C PHE A 335 7.34 -18.66 25.96
N SER A 336 6.14 -18.33 26.47
CA SER A 336 5.93 -18.50 27.91
C SER A 336 5.91 -19.98 28.31
N SER A 337 6.14 -20.23 29.61
CA SER A 337 6.10 -21.58 30.15
C SER A 337 4.70 -22.23 30.06
N ASN A 338 3.67 -21.42 29.90
CA ASN A 338 2.32 -21.98 29.79
C ASN A 338 2.03 -22.51 28.40
N LEU A 339 2.90 -22.20 27.42
CA LEU A 339 2.71 -22.67 26.04
C LEU A 339 3.74 -23.73 25.66
N ILE A 340 5.01 -23.49 26.01
CA ILE A 340 6.11 -24.39 25.66
C ILE A 340 6.93 -24.67 26.92
N ASP A 341 7.20 -25.93 27.27
CA ASP A 341 7.93 -26.07 28.53
C ASP A 341 9.41 -25.76 28.33
N LYS A 342 10.10 -25.57 29.45
CA LYS A 342 11.50 -25.22 29.38
C LYS A 342 12.36 -26.27 28.72
N ARG A 343 12.08 -27.56 28.97
CA ARG A 343 12.91 -28.63 28.39
C ARG A 343 12.92 -28.57 26.88
N SER A 344 11.77 -28.30 26.26
CA SER A 344 11.69 -28.23 24.83
C SER A 344 12.58 -27.10 24.28
N LYS A 345 12.55 -25.93 24.94
CA LYS A 345 13.33 -24.75 24.55
C LYS A 345 14.84 -24.99 24.72
N GLU A 346 15.20 -25.76 25.76
CA GLU A 346 16.60 -26.12 26.02
C GLU A 346 17.08 -27.10 24.97
N PHE A 347 16.23 -28.04 24.59
CA PHE A 347 16.58 -29.02 23.59
C PHE A 347 16.83 -28.31 22.26
N LEU A 348 15.91 -27.42 21.86
CA LEU A 348 16.09 -26.71 20.61
C LEU A 348 17.34 -25.85 20.64
N THR A 349 17.60 -25.18 21.78
CA THR A 349 18.80 -24.36 21.94
C THR A 349 20.05 -25.19 21.74
N LYS A 350 20.12 -26.33 22.37
CA LYS A 350 21.26 -27.21 22.21
C LYS A 350 21.46 -27.65 20.76
N GLN A 351 20.36 -28.00 20.07
CA GLN A 351 20.50 -28.45 18.68
C GLN A 351 20.94 -27.31 17.76
N ILE A 352 20.42 -26.10 17.94
CA ILE A 352 20.77 -24.98 17.02
C ILE A 352 22.24 -24.57 17.29
N GLU A 353 22.62 -24.55 18.56
CA GLU A 353 24.01 -24.17 18.93
C GLU A 353 25.00 -25.16 18.31
N TYR A 354 24.67 -26.45 18.35
CA TYR A 354 25.53 -27.46 17.70
C TYR A 354 25.61 -27.13 16.21
N GLU A 355 24.45 -26.89 15.62
CA GLU A 355 24.52 -26.64 14.20
C GLU A 355 25.32 -25.37 13.92
N ARG A 356 25.14 -24.34 14.73
CA ARG A 356 25.85 -23.09 14.49
C ARG A 356 27.38 -23.25 14.63
N ASN A 357 27.81 -24.06 15.59
CA ASN A 357 29.26 -24.26 15.75
C ASN A 357 29.88 -25.22 14.72
N ASN A 358 29.07 -25.91 13.92
CA ASN A 358 29.62 -26.88 12.96
C ASN A 358 29.22 -26.57 11.53
N GLU A 359 28.95 -25.29 11.27
CA GLU A 359 28.53 -24.76 9.96
C GLU A 359 27.27 -25.41 9.36
N PHE A 360 26.28 -25.69 10.22
CA PHE A 360 24.94 -26.19 9.86
C PHE A 360 24.89 -27.40 8.95
N PRO A 361 25.42 -28.57 9.36
CA PRO A 361 25.42 -29.78 8.57
C PRO A 361 23.99 -30.26 8.26
N VAL A 362 23.02 -29.88 9.09
CA VAL A 362 21.64 -30.28 8.88
C VAL A 362 21.10 -29.73 7.55
N PHE A 363 21.71 -28.66 7.04
CA PHE A 363 21.28 -28.09 5.79
C PHE A 363 21.47 -29.06 4.61
N ASP A 364 22.57 -29.84 4.69
CA ASP A 364 23.04 -30.75 3.66
C ASP A 364 22.32 -32.08 3.71
N GLU A 365 21.98 -32.51 4.92
CA GLU A 365 21.30 -33.78 5.12
C GLU A 365 20.18 -33.97 4.10
N GLY B 5 22.17 31.94 1.10
CA GLY B 5 21.36 33.13 0.79
C GLY B 5 19.87 32.79 0.70
N ALA B 6 19.53 31.57 1.14
CA ALA B 6 18.14 31.07 1.13
C ALA B 6 17.31 31.58 2.31
N SER B 7 17.88 32.41 3.18
CA SER B 7 17.13 32.89 4.36
C SER B 7 15.86 33.66 3.96
N LYS B 8 15.86 34.30 2.80
CA LYS B 8 14.62 35.00 2.34
C LYS B 8 13.54 33.99 1.95
N LEU B 9 13.91 32.87 1.33
CA LEU B 9 12.94 31.85 0.90
C LEU B 9 12.30 31.24 2.16
N ARG B 10 13.09 31.04 3.19
CA ARG B 10 12.57 30.52 4.47
C ARG B 10 11.59 31.56 5.08
N ALA B 11 11.91 32.84 4.96
CA ALA B 11 10.98 33.86 5.46
C ALA B 11 9.64 33.79 4.72
N VAL B 12 9.70 33.55 3.40
CA VAL B 12 8.48 33.43 2.60
C VAL B 12 7.67 32.23 3.03
N LEU B 13 8.34 31.11 3.23
CA LEU B 13 7.66 29.90 3.66
C LEU B 13 7.01 30.07 5.03
N GLU B 14 7.68 30.79 5.95
CA GLU B 14 7.07 31.06 7.25
C GLU B 14 5.79 31.86 7.04
N LYS B 15 5.82 32.89 6.19
CA LYS B 15 4.62 33.68 5.91
C LYS B 15 3.49 32.82 5.33
N LEU B 16 3.82 31.97 4.36
CA LEU B 16 2.80 31.10 3.75
C LEU B 16 2.28 30.09 4.79
N LYS B 17 3.08 29.76 5.80
CA LYS B 17 2.65 28.83 6.89
C LYS B 17 1.50 29.48 7.68
N LEU B 18 1.73 30.68 8.21
CA LEU B 18 0.63 31.41 8.91
C LEU B 18 -0.60 31.44 8.00
N ALA B 27 -10.55 27.60 9.40
CA ALA B 27 -11.89 27.18 9.86
C ALA B 27 -12.73 26.69 8.68
N GLY B 28 -12.29 25.64 8.00
CA GLY B 28 -13.11 25.06 6.92
C GLY B 28 -14.42 24.59 7.53
N MET B 29 -15.52 24.73 6.80
CA MET B 29 -16.85 24.42 7.40
C MET B 29 -17.55 23.34 6.57
N VAL B 30 -17.11 23.16 5.32
CA VAL B 30 -17.81 22.19 4.43
C VAL B 30 -17.21 20.79 4.61
N VAL B 33 -21.02 22.49 4.69
CA VAL B 33 -22.06 22.58 3.63
C VAL B 33 -21.91 21.37 2.70
N VAL B 34 -20.66 20.98 2.46
CA VAL B 34 -20.39 19.79 1.61
C VAL B 34 -21.24 18.66 2.22
N ASP B 35 -21.27 18.62 3.55
CA ASP B 35 -22.12 17.62 4.24
C ASP B 35 -23.45 17.48 3.48
N HIS B 36 -24.15 18.57 3.20
CA HIS B 36 -25.38 18.48 2.37
C HIS B 36 -25.01 18.55 0.88
N LEU B 39 -25.47 14.71 1.27
CA LEU B 39 -26.67 14.31 2.07
C LEU B 39 -27.91 14.69 1.29
N ARG B 40 -28.05 15.99 0.98
CA ARG B 40 -29.19 16.43 0.16
C ARG B 40 -29.05 15.77 -1.22
N LEU B 41 -27.83 15.72 -1.74
CA LEU B 41 -27.61 15.17 -3.10
C LEU B 41 -27.85 13.65 -3.04
N LYS B 42 -27.63 13.09 -1.86
CA LYS B 42 -27.84 11.63 -1.68
C LYS B 42 -29.35 11.41 -1.66
N CYS B 43 -30.11 12.46 -1.37
CA CYS B 43 -31.59 12.36 -1.38
C CYS B 43 -32.07 12.39 -2.85
N ASP B 44 -31.15 12.38 -3.81
CA ASP B 44 -31.56 12.30 -5.24
C ASP B 44 -31.15 10.93 -5.80
N SER B 45 -31.27 10.74 -7.11
CA SER B 45 -31.03 9.39 -7.68
C SER B 45 -29.63 9.32 -8.31
N ALA B 46 -29.41 10.02 -9.42
CA ALA B 46 -28.04 10.04 -10.02
C ALA B 46 -27.01 10.16 -8.90
N PHE B 47 -27.28 11.05 -7.94
CA PHE B 47 -26.39 11.23 -6.78
C PHE B 47 -26.96 10.45 -5.60
N VAL B 50 -21.74 8.32 -4.21
CA VAL B 50 -21.53 9.70 -4.74
C VAL B 50 -21.08 10.59 -3.58
N GLY B 51 -19.77 10.85 -3.47
CA GLY B 51 -19.28 11.61 -2.30
C GLY B 51 -17.92 12.24 -2.51
N LEU B 52 -17.21 12.50 -1.42
CA LEU B 52 -15.91 13.21 -1.48
C LEU B 52 -14.76 12.28 -1.86
N LEU B 53 -13.88 12.73 -2.75
CA LEU B 53 -12.68 11.99 -3.10
C LEU B 53 -11.70 12.02 -1.95
N ASN B 54 -11.48 13.22 -1.41
CA ASN B 54 -10.62 13.36 -0.20
C ASN B 54 -11.41 12.87 1.00
N THR B 55 -11.62 11.55 1.08
CA THR B 55 -12.42 10.98 2.18
C THR B 55 -11.86 11.43 3.52
N GLY B 56 -12.58 12.32 4.23
CA GLY B 56 -12.14 12.70 5.58
C GLY B 56 -11.15 13.84 5.59
N SER B 57 -10.64 14.24 4.42
CA SER B 57 -9.69 15.39 4.32
C SER B 57 -10.45 16.65 3.89
N TYR B 59 -11.25 19.83 1.06
CA TYR B 59 -10.33 20.88 1.58
C TYR B 59 -9.02 20.81 0.79
N GLU B 60 -8.94 21.58 -0.30
CA GLU B 60 -7.67 21.66 -1.07
C GLU B 60 -7.48 23.13 -1.50
N HIS B 61 -6.24 23.56 -1.66
CA HIS B 61 -5.96 24.97 -2.03
C HIS B 61 -5.17 24.99 -3.35
N VAL B 62 -5.84 25.31 -4.44
CA VAL B 62 -5.26 25.38 -5.77
C VAL B 62 -4.24 26.50 -5.86
N LYS B 63 -4.41 27.50 -4.99
CA LYS B 63 -3.51 28.62 -4.88
C LYS B 63 -3.00 28.74 -3.44
N ILE B 64 -1.68 28.63 -3.30
CA ILE B 64 -1.03 28.65 -1.99
C ILE B 64 -1.20 30.00 -1.28
N SER B 65 -1.34 31.05 -2.09
CA SER B 65 -1.54 32.41 -1.60
C SER B 65 -2.99 32.74 -1.25
N ALA B 66 -3.93 31.80 -1.45
CA ALA B 66 -5.33 32.10 -1.23
C ALA B 66 -6.01 31.09 -0.29
N PRO B 67 -5.78 31.18 1.05
CA PRO B 67 -6.27 30.26 2.06
C PRO B 67 -7.78 30.29 2.19
N ASN B 68 -8.42 31.32 1.63
CA ASN B 68 -9.87 31.43 1.68
C ASN B 68 -10.54 30.88 0.41
N GLU B 69 -9.74 30.33 -0.51
CA GLU B 69 -10.24 29.76 -1.75
C GLU B 69 -10.00 28.24 -1.74
N PHE B 70 -11.12 27.52 -1.61
CA PHE B 70 -11.16 26.07 -1.42
C PHE B 70 -11.60 25.35 -2.68
N ASP B 71 -11.09 24.14 -2.86
CA ASP B 71 -11.48 23.30 -3.99
C ASP B 71 -11.83 21.90 -3.51
N VAL B 72 -13.07 21.52 -3.77
CA VAL B 72 -13.66 20.27 -3.31
C VAL B 72 -14.07 19.40 -4.50
N MET B 73 -13.76 18.12 -4.44
CA MET B 73 -14.13 17.26 -5.55
C MET B 73 -15.09 16.16 -5.10
N PHE B 74 -16.19 16.05 -5.85
CA PHE B 74 -17.21 15.04 -5.64
C PHE B 74 -17.01 13.99 -6.70
N LYS B 75 -17.04 12.72 -6.27
CA LYS B 75 -16.75 11.62 -7.21
C LYS B 75 -17.98 10.73 -7.34
N LEU B 76 -18.09 10.04 -8.47
CA LEU B 76 -19.24 9.16 -8.72
C LEU B 76 -18.75 7.89 -9.41
N GLU B 77 -19.00 6.74 -8.78
CA GLU B 77 -18.48 5.46 -9.32
C GLU B 77 -19.21 5.10 -10.61
N VAL B 78 -18.51 4.52 -11.57
CA VAL B 78 -19.15 4.23 -12.89
C VAL B 78 -18.59 2.91 -13.46
N PRO B 79 -19.13 1.75 -13.05
CA PRO B 79 -18.65 0.47 -13.55
C PRO B 79 -18.74 0.33 -15.06
N ILE B 81 -16.42 1.13 -18.26
CA ILE B 81 -16.90 2.16 -19.22
C ILE B 81 -16.35 1.82 -20.62
N GLN B 82 -16.59 2.68 -21.60
CA GLN B 82 -16.16 2.39 -22.99
C GLN B 82 -15.47 3.63 -23.56
N LEU B 83 -14.48 4.17 -22.86
CA LEU B 83 -13.81 5.42 -23.27
C LEU B 83 -13.40 5.42 -24.75
N GLU B 84 -13.53 6.58 -25.41
CA GLU B 84 -13.04 6.73 -26.81
C GLU B 84 -12.39 8.13 -26.92
N GLU B 85 -11.21 8.25 -27.55
CA GLU B 85 -10.49 9.56 -27.53
C GLU B 85 -10.97 10.43 -28.69
N SER B 87 -9.83 12.58 -30.32
CA SER B 87 -9.19 12.14 -31.58
C SER B 87 -7.82 11.54 -31.24
N ASN B 88 -6.78 12.36 -31.12
CA ASN B 88 -5.46 11.88 -30.67
C ASN B 88 -5.04 12.83 -29.55
N THR B 89 -6.04 13.36 -28.83
CA THR B 89 -5.78 14.30 -27.73
C THR B 89 -5.10 13.58 -26.60
N ARG B 90 -5.30 12.27 -26.49
CA ARG B 90 -4.67 11.41 -25.46
C ARG B 90 -5.22 11.74 -24.07
N ALA B 91 -5.82 12.92 -23.90
CA ALA B 91 -6.28 13.34 -22.56
C ALA B 91 -7.79 13.53 -22.55
N TYR B 92 -8.37 13.71 -23.73
CA TYR B 92 -9.83 13.95 -23.82
C TYR B 92 -10.50 12.74 -24.46
N TYR B 93 -11.45 12.16 -23.74
CA TYR B 93 -12.21 11.00 -24.20
C TYR B 93 -13.72 11.16 -24.19
N PHE B 94 -14.38 10.28 -24.92
CA PHE B 94 -15.85 10.24 -24.86
C PHE B 94 -16.22 9.06 -23.99
N VAL B 95 -17.03 9.30 -22.95
CA VAL B 95 -17.42 8.20 -22.03
C VAL B 95 -18.60 7.43 -22.63
N LYS B 96 -18.32 6.32 -23.32
CA LYS B 96 -19.40 5.47 -23.89
C LYS B 96 -19.74 4.38 -22.87
N GLU B 103 -29.03 -0.05 -16.01
CA GLU B 103 -29.12 -0.08 -14.52
C GLU B 103 -28.45 1.18 -13.96
N ASN B 104 -27.68 1.89 -14.77
CA ASN B 104 -26.94 3.09 -14.31
C ASN B 104 -27.91 4.16 -13.81
N PRO B 105 -27.65 4.83 -12.67
CA PRO B 105 -28.51 5.91 -12.22
C PRO B 105 -28.07 7.27 -12.72
N PHE B 109 -27.95 10.67 -18.37
CA PHE B 109 -27.93 11.21 -19.75
C PHE B 109 -27.41 10.15 -20.71
N LEU B 110 -27.39 10.47 -22.02
CA LEU B 110 -26.88 9.53 -23.06
C LEU B 110 -27.11 10.12 -24.47
N GLU B 111 -26.73 9.38 -25.51
CA GLU B 111 -26.83 9.86 -26.90
C GLU B 111 -26.34 8.75 -27.83
N ILE B 114 -22.99 7.66 -25.75
CA ILE B 114 -21.96 8.65 -25.37
C ILE B 114 -22.56 9.59 -24.31
N LEU B 115 -22.09 9.47 -23.06
CA LEU B 115 -22.65 10.27 -21.94
C LEU B 115 -22.36 11.76 -22.14
N SER B 116 -23.25 12.62 -21.63
CA SER B 116 -23.08 14.09 -21.76
C SER B 116 -21.64 14.49 -21.46
N PHE B 124 -27.97 18.91 -12.48
CA PHE B 124 -26.84 18.72 -11.52
C PHE B 124 -26.50 20.06 -10.92
N ARG B 125 -26.30 21.04 -11.80
CA ARG B 125 -26.07 22.41 -11.27
C ARG B 125 -27.41 22.88 -10.67
N LYS B 126 -28.52 22.57 -11.33
CA LYS B 126 -29.87 23.00 -10.85
C LYS B 126 -30.14 22.32 -9.50
N ILE B 127 -29.69 21.08 -9.36
CA ILE B 127 -29.86 20.37 -8.05
C ILE B 127 -29.31 21.26 -6.94
N ILE B 128 -28.08 21.73 -7.09
CA ILE B 128 -27.43 22.57 -6.04
C ILE B 128 -28.00 23.98 -6.13
N LYS B 129 -28.50 24.37 -7.30
CA LYS B 129 -29.14 25.70 -7.47
C LYS B 129 -30.41 25.75 -6.60
N GLU B 130 -31.00 24.59 -6.32
CA GLU B 130 -32.18 24.56 -5.41
C GLU B 130 -31.70 24.78 -3.97
N GLU B 131 -30.77 23.93 -3.49
CA GLU B 131 -30.36 24.07 -2.06
C GLU B 131 -29.36 25.23 -1.93
N ARG B 144 -17.24 29.74 -14.15
CA ARG B 144 -18.10 28.61 -14.51
C ARG B 144 -18.02 28.35 -16.01
N LYS B 145 -17.21 29.19 -16.67
CA LYS B 145 -16.98 29.14 -18.12
C LYS B 145 -15.78 28.30 -18.53
N ARG B 146 -15.07 27.73 -17.55
CA ARG B 146 -13.85 26.97 -17.84
C ARG B 146 -14.17 25.54 -18.31
N GLY B 147 -14.90 25.43 -19.41
CA GLY B 147 -15.35 24.07 -19.77
C GLY B 147 -16.39 23.62 -18.76
N GLY B 148 -16.30 22.39 -18.25
CA GLY B 148 -17.24 21.90 -17.23
C GLY B 148 -16.69 21.93 -15.81
N SER B 149 -15.38 22.12 -15.62
CA SER B 149 -14.82 22.02 -14.25
C SER B 149 -13.86 23.16 -13.92
N PRO B 150 -14.02 23.84 -12.76
CA PRO B 150 -15.06 23.48 -11.80
C PRO B 150 -16.45 23.96 -12.18
N ALA B 151 -17.46 23.65 -11.36
CA ALA B 151 -18.82 24.15 -11.62
C ALA B 151 -19.43 24.66 -10.31
N VAL B 152 -20.63 25.23 -10.37
CA VAL B 152 -21.31 25.62 -9.10
C VAL B 152 -20.28 26.16 -8.08
N THR B 153 -19.37 27.02 -8.50
CA THR B 153 -18.46 27.64 -7.51
C THR B 153 -19.34 28.32 -6.49
N LEU B 154 -19.01 28.18 -5.20
CA LEU B 154 -19.90 28.71 -4.15
C LEU B 154 -19.07 29.28 -2.99
N ILE B 156 -19.73 31.95 -0.13
CA ILE B 156 -20.09 31.55 1.27
C ILE B 156 -19.56 32.62 2.22
N SER B 157 -20.33 33.65 2.49
CA SER B 157 -19.81 34.75 3.34
C SER B 157 -20.09 34.44 4.81
N ILE B 160 -15.81 33.41 1.01
CA ILE B 160 -15.18 32.06 0.95
C ILE B 160 -15.80 31.30 -0.24
N SER B 161 -14.98 30.93 -1.22
CA SER B 161 -15.51 30.23 -2.40
C SER B 161 -15.21 28.74 -2.25
N VAL B 162 -16.12 27.91 -2.76
CA VAL B 162 -15.89 26.44 -2.74
C VAL B 162 -16.06 25.97 -4.19
N ASP B 163 -14.96 25.91 -4.91
CA ASP B 163 -15.04 25.47 -6.32
C ASP B 163 -15.29 23.97 -6.31
N ILE B 164 -16.46 23.56 -6.78
CA ILE B 164 -16.77 22.14 -6.74
C ILE B 164 -16.63 21.46 -8.10
N THR B 165 -15.84 20.40 -8.12
CA THR B 165 -15.67 19.64 -9.34
C THR B 165 -16.34 18.31 -9.17
N LEU B 166 -17.10 17.91 -10.16
CA LEU B 166 -17.77 16.62 -10.14
C LEU B 166 -17.06 15.73 -11.16
N ALA B 167 -16.68 14.52 -10.78
CA ALA B 167 -15.97 13.64 -11.71
C ALA B 167 -16.40 12.20 -11.58
N LEU B 168 -16.18 11.44 -12.66
CA LEU B 168 -16.55 10.05 -12.67
C LEU B 168 -15.38 9.26 -12.13
N GLU B 169 -15.66 8.19 -11.39
CA GLU B 169 -14.60 7.28 -10.93
C GLU B 169 -14.61 5.95 -11.67
N SER B 170 -13.45 5.56 -12.20
CA SER B 170 -13.32 4.25 -12.85
C SER B 170 -12.28 3.40 -12.16
N LYS B 171 -12.65 2.14 -11.91
CA LYS B 171 -11.76 1.18 -11.29
C LYS B 171 -11.18 0.22 -12.33
N SER B 172 -11.33 0.60 -13.61
CA SER B 172 -10.76 -0.14 -14.73
C SER B 172 -9.28 0.24 -14.81
N SER B 173 -8.50 -0.45 -15.64
CA SER B 173 -7.11 -0.09 -15.73
C SER B 173 -6.96 1.27 -16.37
N TRP B 174 -5.80 1.88 -16.17
CA TRP B 174 -5.54 3.19 -16.75
C TRP B 174 -5.47 3.08 -18.27
N PRO B 175 -5.93 4.09 -19.03
CA PRO B 175 -5.85 4.17 -20.48
C PRO B 175 -4.43 3.97 -20.99
N ALA B 176 -4.31 3.37 -22.17
CA ALA B 176 -3.01 3.07 -22.80
C ALA B 176 -2.11 4.30 -22.96
N SER B 177 -2.70 5.49 -23.06
CA SER B 177 -1.96 6.75 -23.22
C SER B 177 -1.06 7.04 -22.00
N THR B 178 -1.35 6.40 -20.87
CA THR B 178 -0.57 6.60 -19.67
C THR B 178 0.51 5.54 -19.51
N GLN B 179 0.60 4.58 -20.43
CA GLN B 179 1.51 3.45 -20.28
C GLN B 179 2.95 3.81 -19.93
N GLU B 180 3.51 4.82 -20.58
CA GLU B 180 4.89 5.20 -20.38
C GLU B 180 5.08 6.38 -19.41
N GLY B 181 4.01 6.80 -18.73
CA GLY B 181 4.10 7.91 -17.78
C GLY B 181 4.36 7.44 -16.33
N LEU B 182 4.25 8.38 -15.41
CA LEU B 182 4.49 8.09 -14.00
C LEU B 182 5.85 7.38 -13.81
N ARG B 183 6.92 7.92 -14.40
CA ARG B 183 8.23 7.28 -14.30
C ARG B 183 8.95 7.60 -13.00
N ILE B 184 8.43 7.04 -11.92
CA ILE B 184 8.94 7.26 -10.54
C ILE B 184 9.72 6.02 -10.12
N GLN B 185 9.98 5.12 -11.06
CA GLN B 185 10.64 3.82 -10.75
C GLN B 185 12.03 4.01 -10.15
N ASN B 186 12.81 4.98 -10.62
CA ASN B 186 14.11 5.06 -9.96
C ASN B 186 14.05 5.91 -8.70
N TRP B 187 12.87 6.53 -8.47
CA TRP B 187 12.64 7.42 -7.33
C TRP B 187 11.84 6.74 -6.18
N LEU B 188 10.54 6.48 -6.44
CA LEU B 188 9.59 5.89 -5.47
C LEU B 188 9.47 4.37 -5.58
N SER B 189 10.11 3.82 -6.62
CA SER B 189 10.26 2.41 -7.05
C SER B 189 9.20 1.84 -7.97
N ALA B 190 9.55 0.68 -8.58
CA ALA B 190 8.65 0.00 -9.51
C ALA B 190 7.42 -0.51 -8.79
N LYS B 191 7.61 -1.01 -7.56
CA LYS B 191 6.44 -1.50 -6.83
C LYS B 191 5.49 -0.38 -6.52
N VAL B 192 5.96 0.81 -6.20
CA VAL B 192 4.97 1.91 -5.98
C VAL B 192 4.27 2.27 -7.31
N ARG B 193 5.00 2.39 -8.41
CA ARG B 193 4.35 2.66 -9.71
C ARG B 193 3.23 1.60 -9.93
N LYS B 194 3.56 0.33 -9.78
CA LYS B 194 2.56 -0.72 -10.05
C LYS B 194 1.35 -0.55 -9.13
N GLN B 195 1.62 -0.33 -7.84
CA GLN B 195 0.53 -0.13 -6.89
C GLN B 195 -0.33 1.07 -7.23
N LEU B 196 0.31 2.20 -7.57
CA LEU B 196 -0.44 3.41 -7.88
C LEU B 196 -1.33 3.21 -9.09
N ARG B 197 -0.87 2.42 -10.06
CA ARG B 197 -1.61 2.18 -11.29
C ARG B 197 -2.78 1.19 -11.12
N LEU B 198 -2.92 0.63 -9.92
CA LEU B 198 -4.04 -0.29 -9.63
C LEU B 198 -5.11 0.53 -8.93
N LYS B 199 -4.86 1.82 -8.75
CA LYS B 199 -5.86 2.71 -8.14
C LYS B 199 -6.81 3.29 -9.21
N PRO B 200 -7.98 3.83 -8.82
CA PRO B 200 -8.92 4.42 -9.74
C PRO B 200 -8.39 5.71 -10.36
N PHE B 201 -8.96 6.06 -11.51
CA PHE B 201 -8.65 7.32 -12.18
C PHE B 201 -9.94 8.10 -12.32
N TYR B 202 -9.84 9.42 -12.53
CA TYR B 202 -11.06 10.21 -12.61
C TYR B 202 -11.26 10.88 -13.96
N LEU B 203 -12.54 11.08 -14.32
CA LEU B 203 -12.93 11.77 -15.55
C LEU B 203 -13.72 13.04 -15.27
N VAL B 204 -13.16 14.13 -15.72
CA VAL B 204 -13.65 15.48 -15.49
C VAL B 204 -14.32 16.04 -16.75
N PRO B 205 -15.54 16.58 -16.72
CA PRO B 205 -16.16 17.11 -17.92
C PRO B 205 -15.33 18.31 -18.39
N LYS B 206 -14.92 18.28 -19.66
CA LYS B 206 -14.05 19.34 -20.17
C LYS B 206 -14.10 19.35 -21.70
N HIS B 207 -14.16 20.51 -22.34
CA HIS B 207 -14.19 20.50 -23.81
C HIS B 207 -12.83 20.36 -24.52
N ALA B 208 -12.77 19.43 -25.46
CA ALA B 208 -11.58 19.10 -26.26
C ALA B 208 -11.34 20.11 -27.38
N GLU B 216 -17.21 18.67 -29.85
CA GLU B 216 -18.41 18.25 -29.15
C GLU B 216 -18.22 18.23 -27.62
N GLU B 217 -18.54 17.10 -26.98
CA GLU B 217 -18.49 16.96 -25.52
C GLU B 217 -17.60 15.83 -25.05
N THR B 218 -16.58 16.19 -24.29
CA THR B 218 -15.58 15.25 -23.83
C THR B 218 -15.33 15.31 -22.33
N TRP B 219 -14.59 14.32 -21.86
CA TRP B 219 -14.15 14.20 -20.49
C TRP B 219 -12.62 14.17 -20.47
N ARG B 220 -11.99 14.77 -19.47
CA ARG B 220 -10.53 14.76 -19.40
C ARG B 220 -10.04 13.92 -18.24
N LEU B 221 -8.97 13.19 -18.45
CA LEU B 221 -8.39 12.41 -17.36
C LEU B 221 -7.87 13.27 -16.23
N SER B 222 -7.99 12.75 -15.00
CA SER B 222 -7.39 13.37 -13.82
C SER B 222 -6.75 12.37 -12.87
N PHE B 223 -5.51 12.70 -12.54
CA PHE B 223 -4.69 11.94 -11.64
C PHE B 223 -4.30 12.79 -10.45
N SER B 224 -5.11 13.80 -10.14
CA SER B 224 -4.73 14.68 -9.02
C SER B 224 -4.60 13.94 -7.67
N HIS B 225 -5.29 12.81 -7.50
CA HIS B 225 -5.18 12.05 -6.25
C HIS B 225 -3.86 11.28 -6.15
N ILE B 226 -3.29 10.94 -7.31
CA ILE B 226 -1.96 10.28 -7.30
C ILE B 226 -0.90 11.33 -6.96
N GLU B 227 -1.03 12.53 -7.52
CA GLU B 227 -0.06 13.58 -7.25
C GLU B 227 -0.05 13.86 -5.75
N LYS B 228 -1.24 13.86 -5.15
CA LYS B 228 -1.35 14.07 -3.71
C LYS B 228 -0.62 12.98 -2.96
N GLU B 229 -0.87 11.72 -3.30
CA GLU B 229 -0.19 10.66 -2.56
C GLU B 229 1.32 10.72 -2.74
N ILE B 230 1.79 11.08 -3.93
CA ILE B 230 3.22 11.22 -4.12
C ILE B 230 3.79 12.36 -3.31
N LEU B 231 3.14 13.53 -3.31
CA LEU B 231 3.67 14.67 -2.56
C LEU B 231 3.74 14.43 -1.08
N ASN B 232 2.82 13.60 -0.55
CA ASN B 232 2.79 13.36 0.92
C ASN B 232 3.61 12.11 1.28
N ASN B 233 4.12 11.38 0.29
CA ASN B 233 5.00 10.19 0.50
C ASN B 233 6.01 10.35 -0.63
N HIS B 234 6.94 11.28 -0.50
CA HIS B 234 7.79 11.73 -1.64
C HIS B 234 9.26 11.33 -1.65
N GLY B 235 9.73 10.57 -0.68
CA GLY B 235 11.16 10.29 -0.70
C GLY B 235 11.46 8.89 -1.12
N LYS B 236 12.75 8.64 -1.29
CA LYS B 236 13.25 7.31 -1.59
C LYS B 236 13.15 6.51 -0.30
N SER B 237 13.53 7.16 0.80
CA SER B 237 13.41 6.53 2.10
C SER B 237 11.98 6.62 2.56
N LYS B 238 11.48 5.53 3.11
CA LYS B 238 10.15 5.54 3.67
C LYS B 238 10.06 6.50 4.84
N THR B 239 11.18 6.84 5.47
CA THR B 239 11.17 7.73 6.64
C THR B 239 11.64 9.14 6.27
N CYS B 240 11.61 9.45 4.97
CA CYS B 240 11.98 10.79 4.53
C CYS B 240 11.06 11.80 5.24
N CYS B 241 11.67 12.77 5.90
CA CYS B 241 11.04 13.80 6.74
C CYS B 241 10.34 13.36 8.03
N GLU B 242 10.60 12.13 8.51
CA GLU B 242 10.07 11.69 9.82
C GLU B 242 11.06 11.79 10.97
N ASN B 243 12.25 12.33 10.71
CA ASN B 243 13.27 12.53 11.72
C ASN B 243 14.23 13.65 11.31
N LYS B 244 15.05 14.14 12.24
CA LYS B 244 16.01 15.21 11.96
C LYS B 244 17.09 14.87 10.95
N GLU B 245 17.49 13.62 10.92
CA GLU B 245 18.50 13.19 9.99
C GLU B 245 18.01 13.22 8.52
N GLU B 246 16.70 13.07 8.30
CA GLU B 246 16.13 12.92 6.97
C GLU B 246 15.20 14.05 6.51
N LYS B 247 15.50 15.28 6.84
CA LYS B 247 14.68 16.41 6.37
C LYS B 247 15.07 16.88 4.98
N CYS B 248 14.12 16.84 4.06
CA CYS B 248 14.39 17.27 2.68
C CYS B 248 13.53 18.51 2.41
N CYS B 249 13.79 19.19 1.28
CA CYS B 249 13.04 20.37 0.92
C CYS B 249 12.18 20.23 -0.34
N ARG B 250 11.77 19.03 -0.67
CA ARG B 250 10.95 18.80 -1.89
C ARG B 250 9.66 19.63 -1.84
N LYS B 251 8.91 19.53 -0.75
CA LYS B 251 7.60 20.23 -0.63
C LYS B 251 7.81 21.76 -0.57
N ASP B 252 8.88 22.19 0.08
CA ASP B 252 9.11 23.62 0.14
C ASP B 252 9.44 24.18 -1.25
N CYS B 253 10.19 23.41 -2.05
CA CYS B 253 10.50 23.86 -3.41
C CYS B 253 9.25 23.97 -4.23
N LEU B 254 8.33 23.00 -4.08
CA LEU B 254 7.09 23.08 -4.83
C LEU B 254 6.28 24.31 -4.41
N LYS B 255 6.17 24.55 -3.08
CA LYS B 255 5.40 25.69 -2.60
C LYS B 255 5.95 27.01 -3.13
N LEU B 256 7.28 27.17 -3.14
CA LEU B 256 7.92 28.37 -3.64
C LEU B 256 7.70 28.54 -5.16
N MET B 257 7.71 27.45 -5.94
CA MET B 257 7.45 27.57 -7.38
C MET B 257 6.00 28.00 -7.64
N LYS B 258 5.04 27.44 -6.85
CA LYS B 258 3.63 27.78 -7.00
C LYS B 258 3.43 29.23 -6.63
N TYR B 259 4.07 29.68 -5.56
CA TYR B 259 3.92 31.05 -5.10
C TYR B 259 4.50 32.02 -6.13
N LEU B 260 5.65 31.68 -6.72
CA LEU B 260 6.23 32.53 -7.76
C LEU B 260 5.25 32.70 -8.93
N LEU B 261 4.68 31.62 -9.42
CA LEU B 261 3.75 31.77 -10.53
C LEU B 261 2.53 32.60 -10.12
N GLU B 262 1.95 32.31 -8.94
CA GLU B 262 0.76 33.03 -8.53
C GLU B 262 1.03 34.53 -8.35
N GLN B 263 2.18 34.90 -7.79
CA GLN B 263 2.52 36.32 -7.58
C GLN B 263 2.72 37.05 -8.92
N LEU B 264 3.21 36.37 -9.94
CA LEU B 264 3.44 36.99 -11.27
C LEU B 264 2.12 37.02 -12.04
N LYS B 265 1.29 35.99 -11.89
CA LYS B 265 -0.04 36.00 -12.56
C LYS B 265 -0.88 37.19 -12.05
N GLU B 266 -0.63 37.63 -10.82
CA GLU B 266 -1.35 38.77 -10.23
C GLU B 266 -0.73 40.09 -10.74
N ARG B 267 0.59 40.22 -10.69
CA ARG B 267 1.27 41.44 -11.19
C ARG B 267 0.80 41.75 -12.61
N PHE B 268 0.71 40.73 -13.46
CA PHE B 268 0.31 40.90 -14.87
C PHE B 268 -1.13 40.44 -15.08
N LYS B 269 -1.98 40.65 -14.08
CA LYS B 269 -3.43 40.31 -14.19
C LYS B 269 -4.09 41.01 -15.39
N ASP B 270 -3.66 42.24 -15.69
CA ASP B 270 -4.25 43.03 -16.80
C ASP B 270 -3.79 42.44 -18.13
N LYS B 271 -2.49 42.20 -18.27
CA LYS B 271 -1.95 41.64 -19.52
C LYS B 271 -2.50 40.23 -19.75
N LYS B 272 -2.39 39.75 -20.98
CA LYS B 272 -2.95 38.41 -21.32
C LYS B 272 -1.82 37.39 -21.37
N HIS B 273 -0.58 37.84 -21.21
CA HIS B 273 0.60 36.97 -21.39
C HIS B 273 0.59 35.77 -20.44
N LEU B 274 0.13 35.96 -19.20
CA LEU B 274 0.20 34.86 -18.20
C LEU B 274 -1.18 34.21 -17.96
N ASP B 275 -2.19 34.53 -18.78
CA ASP B 275 -3.51 33.93 -18.56
C ASP B 275 -3.58 32.40 -18.67
N LYS B 276 -2.77 31.83 -19.54
CA LYS B 276 -2.82 30.39 -19.75
C LYS B 276 -1.89 29.58 -18.86
N PHE B 277 -1.19 30.19 -17.91
CA PHE B 277 -0.25 29.39 -17.08
C PHE B 277 -0.98 28.99 -15.80
N SER B 278 -0.73 27.77 -15.30
CA SER B 278 -1.43 27.25 -14.10
C SER B 278 -0.50 26.57 -13.10
N SER B 279 -1.02 26.31 -11.91
CA SER B 279 -0.26 25.57 -10.87
C SER B 279 0.05 24.18 -11.44
N TYR B 280 -0.75 23.76 -12.40
CA TYR B 280 -0.60 22.44 -13.00
C TYR B 280 0.75 22.35 -13.74
N HIS B 281 1.18 23.46 -14.33
CA HIS B 281 2.42 23.47 -15.11
C HIS B 281 3.57 23.38 -14.16
N VAL B 282 3.45 24.11 -13.05
CA VAL B 282 4.44 24.11 -11.99
C VAL B 282 4.59 22.73 -11.35
N LYS B 283 3.46 22.09 -11.00
CA LYS B 283 3.54 20.76 -10.43
C LYS B 283 4.12 19.76 -11.40
N THR B 284 3.73 19.85 -12.70
CA THR B 284 4.24 18.89 -13.67
C THR B 284 5.75 19.02 -13.77
N ALA B 285 6.24 20.27 -13.88
CA ALA B 285 7.66 20.49 -13.95
C ALA B 285 8.36 19.96 -12.73
N PHE B 286 7.77 20.18 -11.53
CA PHE B 286 8.32 19.71 -10.27
C PHE B 286 8.45 18.20 -10.26
N PHE B 287 7.42 17.50 -10.68
CA PHE B 287 7.52 16.07 -10.68
C PHE B 287 8.63 15.59 -11.57
N HIS B 288 8.82 16.25 -12.75
CA HIS B 288 9.92 15.85 -13.63
C HIS B 288 11.26 16.10 -12.93
N VAL B 289 11.36 17.20 -12.19
CA VAL B 289 12.57 17.47 -11.45
C VAL B 289 12.81 16.33 -10.40
N CYS B 290 11.74 15.87 -9.74
CA CYS B 290 11.89 14.78 -8.76
C CYS B 290 12.37 13.50 -9.44
N THR B 291 11.89 13.25 -10.67
CA THR B 291 12.36 12.09 -11.43
C THR B 291 13.83 12.23 -11.76
N GLN B 292 14.28 13.44 -12.14
CA GLN B 292 15.69 13.68 -12.48
C GLN B 292 16.63 13.60 -11.29
N ASN B 293 16.10 13.85 -10.09
CA ASN B 293 16.86 13.88 -8.84
C ASN B 293 16.20 12.96 -7.81
N PRO B 294 16.33 11.64 -8.00
CA PRO B 294 15.63 10.62 -7.27
C PRO B 294 16.12 10.42 -5.84
N GLN B 295 17.32 10.93 -5.48
CA GLN B 295 17.84 10.62 -4.14
C GLN B 295 17.49 11.69 -3.12
N ASP B 296 17.20 11.27 -1.91
CA ASP B 296 16.87 12.21 -0.82
C ASP B 296 18.00 13.22 -0.57
N SER B 297 19.23 12.77 -0.75
CA SER B 297 20.43 13.59 -0.53
C SER B 297 20.58 14.76 -1.54
N GLN B 298 19.80 14.76 -2.63
CA GLN B 298 19.87 15.85 -3.60
C GLN B 298 18.87 16.93 -3.22
N TRP B 299 18.06 16.63 -2.19
CA TRP B 299 17.02 17.53 -1.70
C TRP B 299 17.24 17.91 -0.26
N ASP B 300 18.47 17.82 0.21
CA ASP B 300 18.75 18.12 1.63
C ASP B 300 18.20 19.49 1.99
N ARG B 301 17.48 19.59 3.10
CA ARG B 301 16.92 20.88 3.52
C ARG B 301 17.92 22.05 3.56
N LYS B 302 19.19 21.78 3.92
CA LYS B 302 20.20 22.84 4.02
C LYS B 302 20.49 23.49 2.64
N ASP B 303 20.13 22.80 1.56
CA ASP B 303 20.38 23.24 0.20
C ASP B 303 19.13 23.79 -0.46
N LEU B 304 18.14 24.24 0.35
CA LEU B 304 16.92 24.84 -0.19
C LEU B 304 17.21 25.85 -1.28
N GLY B 305 18.25 26.68 -1.08
CA GLY B 305 18.61 27.71 -2.04
C GLY B 305 18.87 27.14 -3.45
N LEU B 306 19.76 26.17 -3.53
CA LEU B 306 20.10 25.57 -4.81
C LEU B 306 19.00 24.64 -5.31
N CYS B 307 18.30 23.95 -4.42
CA CYS B 307 17.27 23.07 -4.92
C CYS B 307 16.20 23.92 -5.60
N PHE B 308 15.82 25.05 -4.98
CA PHE B 308 14.81 25.94 -5.54
C PHE B 308 15.30 26.51 -6.84
N ASP B 309 16.55 26.96 -6.87
CA ASP B 309 17.09 27.52 -8.07
C ASP B 309 17.11 26.53 -9.22
N ASN B 310 17.31 25.22 -8.91
CA ASN B 310 17.36 24.17 -9.93
C ASN B 310 15.94 23.92 -10.44
N CYS B 311 14.96 24.01 -9.56
CA CYS B 311 13.56 23.83 -9.99
C CYS B 311 13.15 24.98 -10.90
N VAL B 312 13.57 26.21 -10.57
CA VAL B 312 13.23 27.35 -11.39
C VAL B 312 13.85 27.19 -12.79
N THR B 313 15.12 26.77 -12.82
CA THR B 313 15.87 26.51 -14.03
C THR B 313 15.25 25.48 -14.94
N TYR B 314 14.85 24.34 -14.37
CA TYR B 314 14.16 23.33 -15.17
C TYR B 314 12.90 23.95 -15.80
N PHE B 315 12.10 24.66 -15.00
CA PHE B 315 10.86 25.24 -15.52
C PHE B 315 11.20 26.17 -16.70
N LEU B 316 12.24 27.00 -16.54
CA LEU B 316 12.68 27.91 -17.60
C LEU B 316 13.18 27.15 -18.83
N GLN B 317 13.85 26.03 -18.63
CA GLN B 317 14.29 25.27 -19.80
C GLN B 317 13.06 24.80 -20.56
N CYS B 318 12.03 24.38 -19.82
CA CYS B 318 10.81 23.91 -20.46
C CYS B 318 10.14 25.05 -21.25
N LEU B 319 10.13 26.27 -20.71
CA LEU B 319 9.51 27.38 -21.44
C LEU B 319 10.26 27.72 -22.74
N ARG B 320 11.60 27.80 -22.68
CA ARG B 320 12.41 28.14 -23.84
C ARG B 320 12.32 27.14 -24.96
N THR B 321 12.28 25.86 -24.59
CA THR B 321 12.28 24.78 -25.57
C THR B 321 10.86 24.39 -25.96
N GLU B 322 9.87 25.08 -25.40
CA GLU B 322 8.44 24.80 -25.68
C GLU B 322 8.13 23.29 -25.46
N LYS B 323 8.57 22.74 -24.34
CA LYS B 323 8.36 21.30 -24.09
C LYS B 323 8.11 21.01 -22.59
N LEU B 324 6.86 20.68 -22.27
CA LEU B 324 6.53 20.26 -20.89
C LEU B 324 5.60 19.05 -21.02
N GLU B 325 6.14 17.85 -20.88
CA GLU B 325 5.32 16.66 -21.06
C GLU B 325 4.38 16.45 -19.88
N ASN B 326 3.21 15.86 -20.13
CA ASN B 326 2.35 15.47 -18.98
C ASN B 326 3.06 14.33 -18.24
N TYR B 327 3.11 14.37 -16.91
CA TYR B 327 3.81 13.35 -16.09
C TYR B 327 3.15 12.00 -16.23
N PHE B 328 1.83 12.00 -16.42
CA PHE B 328 1.06 10.74 -16.60
C PHE B 328 0.97 10.40 -18.09
N ILE B 329 0.82 11.41 -18.95
CA ILE B 329 0.66 11.17 -20.43
C ILE B 329 1.84 11.84 -21.17
N PRO B 330 2.97 11.15 -21.35
CA PRO B 330 4.15 11.78 -21.90
C PRO B 330 4.06 12.38 -23.32
N GLU B 331 3.09 11.94 -24.11
CA GLU B 331 2.97 12.43 -25.51
C GLU B 331 2.07 13.66 -25.53
N PHE B 332 1.59 14.08 -24.36
CA PHE B 332 0.78 15.27 -24.34
C PHE B 332 1.65 16.46 -23.92
N ASN B 333 1.93 17.38 -24.85
CA ASN B 333 2.81 18.51 -24.53
C ASN B 333 2.04 19.73 -24.07
N LEU B 334 2.11 20.00 -22.78
CA LEU B 334 1.39 21.09 -22.12
C LEU B 334 1.84 22.47 -22.63
N PHE B 335 3.10 22.53 -23.08
CA PHE B 335 3.70 23.75 -23.59
C PHE B 335 3.85 23.77 -25.11
N SER B 336 3.02 23.03 -25.84
CA SER B 336 3.11 23.12 -27.30
C SER B 336 2.63 24.48 -27.79
N SER B 337 3.04 24.85 -29.01
CA SER B 337 2.59 26.12 -29.61
C SER B 337 1.08 26.18 -29.86
N ASN B 338 0.45 25.01 -29.91
CA ASN B 338 -0.98 24.89 -30.12
C ASN B 338 -1.76 25.34 -28.89
N LEU B 339 -1.16 25.23 -27.71
CA LEU B 339 -1.86 25.57 -26.48
C LEU B 339 -1.45 26.94 -25.96
N ILE B 340 -0.15 27.24 -26.04
CA ILE B 340 0.39 28.52 -25.51
C ILE B 340 1.32 29.15 -26.55
N ASP B 341 1.17 30.45 -26.80
CA ASP B 341 2.00 31.16 -27.80
C ASP B 341 3.41 31.40 -27.24
N LYS B 342 4.40 31.36 -28.12
CA LYS B 342 5.81 31.51 -27.69
C LYS B 342 6.01 32.85 -26.98
N ARG B 343 5.27 33.89 -27.38
CA ARG B 343 5.55 35.17 -26.72
C ARG B 343 5.04 35.20 -25.27
N SER B 344 4.09 34.34 -24.94
CA SER B 344 3.63 34.25 -23.57
C SER B 344 4.72 33.53 -22.75
N LYS B 345 5.27 32.47 -23.35
CA LYS B 345 6.35 31.70 -22.71
C LYS B 345 7.60 32.54 -22.55
N GLU B 346 7.94 33.33 -23.58
CA GLU B 346 9.09 34.25 -23.50
C GLU B 346 8.83 35.34 -22.47
N PHE B 347 7.61 35.84 -22.42
CA PHE B 347 7.29 36.87 -21.43
C PHE B 347 7.51 36.29 -20.04
N LEU B 348 6.94 35.11 -19.77
CA LEU B 348 7.11 34.50 -18.46
C LEU B 348 8.59 34.21 -18.18
N THR B 349 9.32 33.74 -19.17
CA THR B 349 10.74 33.46 -19.00
C THR B 349 11.48 34.68 -18.54
N LYS B 350 11.24 35.82 -19.21
CA LYS B 350 11.92 37.05 -18.85
C LYS B 350 11.53 37.53 -17.47
N GLN B 351 10.26 37.32 -17.08
CA GLN B 351 9.86 37.77 -15.74
C GLN B 351 10.50 36.88 -14.68
N ILE B 352 10.52 35.57 -14.90
CA ILE B 352 11.13 34.67 -13.93
C ILE B 352 12.62 34.94 -13.80
N GLU B 353 13.33 35.09 -14.94
CA GLU B 353 14.77 35.39 -14.91
C GLU B 353 15.08 36.72 -14.21
N TYR B 354 14.24 37.74 -14.43
CA TYR B 354 14.41 38.99 -13.73
C TYR B 354 14.30 38.75 -12.24
N GLU B 355 13.26 38.04 -11.83
CA GLU B 355 13.03 37.73 -10.40
C GLU B 355 14.21 36.96 -9.79
N ARG B 356 14.77 35.99 -10.52
CA ARG B 356 15.89 35.17 -10.00
C ARG B 356 17.13 36.05 -9.84
N ASN B 357 17.38 36.93 -10.80
CA ASN B 357 18.57 37.81 -10.77
C ASN B 357 18.45 38.79 -9.61
N ASN B 358 17.22 39.15 -9.26
CA ASN B 358 17.01 40.16 -8.22
C ASN B 358 16.51 39.63 -6.87
N GLU B 359 16.76 38.36 -6.55
CA GLU B 359 16.35 37.77 -5.23
C GLU B 359 14.83 37.86 -5.04
N PHE B 360 14.07 37.56 -6.07
CA PHE B 360 12.59 37.46 -6.00
C PHE B 360 11.91 38.60 -5.24
N PRO B 361 11.91 39.84 -5.77
CA PRO B 361 11.17 40.93 -5.17
C PRO B 361 9.68 40.64 -5.15
N VAL B 362 9.19 39.90 -6.13
CA VAL B 362 7.74 39.60 -6.24
C VAL B 362 7.27 38.94 -4.92
N PHE B 363 8.18 38.31 -4.21
CA PHE B 363 7.85 37.67 -2.95
C PHE B 363 7.61 38.69 -1.82
N ASP B 364 8.19 39.89 -1.96
CA ASP B 364 8.16 40.90 -0.90
C ASP B 364 6.73 41.19 -0.44
CAH AEV C . -3.12 -22.56 9.97
CAF AEV C . -2.85 -22.78 8.64
CAG AEV C . -1.61 -22.48 8.15
CAJ AEV C . -0.62 -21.99 8.98
CAW AEV C . -0.90 -21.76 10.34
CAU AEV C . -2.11 -22.05 10.81
CAP AEV C . -2.09 -21.72 12.27
OAB AEV C . -3.04 -21.53 12.95
OAO AEV C . -0.73 -21.69 12.65
CBA AEV C . -0.05 -21.23 11.51
CAX AEV C . 1.33 -21.74 11.35
CAS AEV C . 1.76 -23.05 11.32
OAC AEV C . 0.97 -24.18 11.47
CAQ AEV C . 2.45 -20.96 11.15
CAA AEV C . 2.48 -19.44 11.10
NAM AEV C . 3.51 -21.76 11.02
NBB AEV C . 3.05 -23.03 11.16
CAV AEV C . 3.87 -24.20 11.03
NAL AEV C . 3.40 -25.44 10.96
CAY AEV C . 4.42 -26.29 10.77
CAK AEV C . 4.49 -27.70 10.66
CAI AEV C . 5.71 -28.31 10.47
CAR AEV C . 6.86 -27.54 10.39
CLD AEV C . 8.41 -28.37 10.15
CAT AEV C . 6.80 -26.16 10.52
CLE AEV C . 8.24 -25.13 10.44
CAZ AEV C . 5.55 -25.54 10.71
NAN AEV C . 5.18 -24.24 10.85
C10 LLS D . -2.09 -22.20 10.53
C15 LLS D . -0.42 -18.81 9.50
C20 LLS D . -0.67 -16.82 16.30
C21 LLS D . -0.65 -16.56 17.70
C22 LLS D . -1.05 -15.33 18.19
C02 LLS D . -0.25 -19.65 13.12
C03 LLS D . -0.22 -20.09 11.82
C04 LLS D . -0.07 -21.52 11.47
C05 LLS D . -0.81 -21.97 10.20
C06 LLS D . -0.41 -22.16 8.85
C07 LLS D . -1.33 -22.57 7.93
C08 LLS D . -2.64 -22.80 8.28
C09 LLS D . -3.03 -22.63 9.58
C11 LLS D . -2.16 -21.94 12.00
C14 LLS D . -0.38 -18.96 11.02
C18 LLS D . -0.55 -17.55 14.26
C23 LLS D . -1.48 -14.35 17.30
C25 LLS D . -1.49 -14.60 15.95
C27 LLS D . -1.09 -15.85 15.46
N16 LLS D . -0.52 -17.91 11.83
N17 LLS D . -0.40 -18.36 13.11
N19 LLS D . -0.36 -17.89 15.53
N28 LLS D . -1.02 -16.32 14.21
O01 LLS D . -0.14 -20.42 14.26
O12 LLS D . -0.85 -22.17 12.44
O13 LLS D . -3.10 -21.60 12.62
CL24 LLS D . -2.00 -12.73 17.84
CL26 LLS D . -2.01 -13.35 14.80
ZN ZN E . 15.92 -5.64 0.31
C10 LLS F . -9.41 22.45 -12.57
C15 LLS F . -6.57 20.08 -10.82
C20 LLS F . -4.53 18.39 -17.44
C21 LLS F . -4.08 18.33 -18.79
C22 LLS F . -3.80 17.11 -19.37
C02 LLS F . -6.14 20.86 -14.42
C03 LLS F . -6.54 21.27 -13.19
C04 LLS F . -7.12 22.62 -12.96
C05 LLS F . -8.26 22.71 -11.93
C06 LLS F . -8.29 22.98 -10.54
C07 LLS F . -9.50 22.97 -9.88
C08 LLS F . -10.67 22.72 -10.54
C09 LLS F . -10.65 22.46 -11.90
C11 LLS F . -9.04 22.23 -14.00
C14 LLS F . -6.31 20.19 -12.32
C18 LLS F . -5.21 18.90 -15.45
C23 LLS F . -3.97 15.94 -18.64
C25 LLS F . -4.41 15.99 -17.33
C27 LLS F . -4.70 17.25 -16.74
N16 LLS F . -5.79 19.21 -13.04
N17 LLS F . -5.68 19.65 -14.33
N19 LLS F . -4.87 19.41 -16.63
N28 LLS F . -5.13 17.58 -15.50
O01 LLS F . -6.19 21.60 -15.60
O12 LLS F . -7.82 22.92 -14.15
O13 LLS F . -9.63 21.61 -14.82
CL24 LLS F . -3.62 14.34 -19.33
CL26 LLS F . -4.60 14.48 -16.41
CAH AEV G . -10.37 22.40 -12.04
CAF AEV G . -10.66 22.82 -10.75
CAG AEV G . -9.66 23.12 -9.86
CAJ AEV G . -8.32 23.01 -10.26
CAW AEV G . -8.02 22.58 -11.63
CAU AEV G . -9.09 22.27 -12.51
CAP AEV G . -8.37 21.91 -13.76
OAB AEV G . -9.02 21.36 -14.69
OAO AEV G . -7.10 22.37 -13.86
CBA AEV G . -6.67 22.39 -12.35
CAX AEV G . -5.84 23.54 -12.06
CAS AEV G . -6.07 24.89 -12.07
OAC AEV G . -7.21 25.57 -12.50
CAQ AEV G . -4.57 23.34 -11.53
CAA AEV G . -3.90 21.99 -11.33
NAM AEV G . -4.05 24.54 -11.27
NBB AEV G . -4.98 25.46 -11.64
CAV AEV G . -4.82 26.87 -11.44
NAL AEV G . -5.79 27.77 -11.56
CAY AEV G . -5.29 28.98 -11.24
CAK AEV G . -5.87 30.28 -11.21
CAI AEV G . -5.10 31.37 -10.82
CAR AEV G . -3.76 31.17 -10.47
CLD AEV G . -2.75 32.54 -9.96
CAT AEV G . -3.22 29.90 -10.49
CLE AEV G . -1.52 29.66 -10.04
CAZ AEV G . -4.00 28.80 -10.89
NAN AEV G . -3.72 27.48 -11.00
ZN ZN H . 11.11 14.55 2.73
#